data_7U2P
#
_entry.id   7U2P
#
_cell.length_a   114.641
_cell.length_b   122.798
_cell.length_c   127.474
_cell.angle_alpha   90.000
_cell.angle_beta   90.000
_cell.angle_gamma   90.000
#
_symmetry.space_group_name_H-M   'C 2 2 21'
#
loop_
_entity.id
_entity.type
_entity.pdbx_description
1 polymer 'Glucosyltransferase TcdA'
2 polymer 'Transforming protein RhoA'
3 non-polymer "URIDINE-5'-DIPHOSPHATE-GLUCOSE"
4 non-polymer 'MANGANESE (II) ION'
5 non-polymer 'SULFATE ION'
6 non-polymer "GUANOSINE-5'-DIPHOSPHATE"
7 non-polymer 'MAGNESIUM ION'
8 water water
#
loop_
_entity_poly.entity_id
_entity_poly.type
_entity_poly.pdbx_seq_one_letter_code
_entity_poly.pdbx_strand_id
1 'polypeptide(L)'
;SMSLISKEELIKLAYSIRPRENEYKTILTNLDEYNKLTTNNNENKYLQLKKLNESIDVFMNKYKTSSRNRALSNLKKDIL
KEVILIKNSNTSPVEKNLHFVWIGGEVSDIALEYIKQWADINAEYNIKLWYDSEAFLVNTLKKAIVESSTTEALQLLEEE
IQNPQFDNMKFYKKRMEFIYDRQKRFINYYASQINKPTVPTIDDIIKSHLVSEYNRDETVLESYRTNSLRKINSNHGIDI
RANSLFTEQELLNIYSQELLNRGNLAAASDIVRLLALKNFGGVYLDVDMLPGIHSDLFKTISRPSSIGLDRWEMIKLEAI
MKYKKYINNYTSENFDKLDQQLKDNFKLIIESKSEKSEIFSKLENLNVSDLEIKIAFALGSVINQALISKQGSYLTNLVI
EQVKNRYQFLNQHLNPAIESDNNFTDTTKIFHDSLFNSATAENSMFLTKIAPYLQVGFMPEARSTISLSGPGAYASAYYD
FINLQENTIEKTLKASDLIEFKFPENNLSQLTEQEINSLWSFDQASAKYQFEKYVRDYTGGSL
;
A
2 'polypeptide(L)'
;GPLGSMAAIRKKLVIVGDGACGKTCLLIVFSKDQFPEVYVPNVFENYVADIEVDGKQVELALWDTAGQEDYDRLRPLSYP
DTDVILMCFSIDSPDSLENIPEKWTPEVKHFCPNVPIILVGNKKDLRNDEHTRRELAKMKQEPVKPEEGRDMANRIGAFG
YMECSAKTKDGVREVFEMATRAALQA
;
B
#
# COMPACT_ATOMS: atom_id res chain seq x y z
N MET A 2 -7.29 -35.61 8.78
CA MET A 2 -7.33 -35.88 10.24
C MET A 2 -8.02 -34.71 10.95
N SER A 3 -8.36 -34.93 12.24
CA SER A 3 -9.07 -33.96 13.08
C SER A 3 -8.25 -33.59 14.32
N LEU A 4 -8.95 -33.04 15.32
CA LEU A 4 -8.29 -32.62 16.56
C LEU A 4 -8.44 -33.74 17.58
N ILE A 5 -8.13 -33.47 18.85
CA ILE A 5 -8.30 -34.46 19.90
C ILE A 5 -9.79 -34.71 20.12
N SER A 6 -10.13 -35.93 20.59
CA SER A 6 -11.51 -36.34 20.79
C SER A 6 -12.12 -35.61 21.97
N LYS A 7 -13.47 -35.55 21.95
CA LYS A 7 -14.21 -34.96 23.04
C LYS A 7 -13.75 -35.52 24.37
N GLU A 8 -13.79 -36.86 24.52
CA GLU A 8 -13.48 -37.48 25.80
C GLU A 8 -12.02 -37.21 26.17
N GLU A 9 -11.16 -37.06 25.16
CA GLU A 9 -9.77 -36.76 25.40
C GLU A 9 -9.60 -35.40 26.10
N LEU A 10 -10.38 -34.39 25.68
CA LEU A 10 -10.33 -33.07 26.29
C LEU A 10 -10.90 -33.13 27.71
N ILE A 11 -11.94 -33.96 27.91
CA ILE A 11 -12.55 -34.09 29.23
C ILE A 11 -11.47 -34.56 30.21
N LYS A 12 -10.74 -35.58 29.75
CA LYS A 12 -9.64 -36.22 30.45
C LYS A 12 -8.59 -35.16 30.78
N LEU A 13 -8.18 -34.41 29.76
CA LEU A 13 -7.09 -33.47 29.89
C LEU A 13 -7.49 -32.25 30.71
N ALA A 14 -8.79 -31.94 30.76
CA ALA A 14 -9.18 -30.75 31.47
C ALA A 14 -10.05 -31.07 32.69
N TYR A 15 -9.66 -32.11 33.45
CA TYR A 15 -10.42 -32.52 34.62
C TYR A 15 -10.14 -31.55 35.77
N SER A 16 -11.22 -31.16 36.48
CA SER A 16 -11.20 -30.32 37.66
C SER A 16 -12.07 -30.93 38.74
N ILE A 17 -11.89 -30.41 39.96
CA ILE A 17 -12.70 -30.75 41.13
C ILE A 17 -14.08 -30.12 40.93
N ARG A 18 -14.08 -28.90 40.37
CA ARG A 18 -15.30 -28.14 40.08
C ARG A 18 -16.14 -28.86 39.03
N PRO A 19 -17.48 -28.63 39.01
CA PRO A 19 -18.35 -29.24 38.00
C PRO A 19 -18.24 -28.48 36.68
N ARG A 20 -18.75 -29.09 35.60
CA ARG A 20 -18.57 -28.54 34.27
C ARG A 20 -19.41 -27.27 34.11
N GLU A 21 -18.73 -26.16 33.80
CA GLU A 21 -19.39 -24.88 33.53
C GLU A 21 -20.02 -24.94 32.15
N ASN A 22 -21.09 -24.17 31.98
CA ASN A 22 -21.90 -24.26 30.76
C ASN A 22 -21.03 -23.95 29.55
N GLU A 23 -20.11 -22.99 29.69
CA GLU A 23 -19.26 -22.60 28.59
C GLU A 23 -18.41 -23.79 28.13
N TYR A 24 -17.99 -24.63 29.08
CA TYR A 24 -17.18 -25.82 28.84
C TYR A 24 -17.96 -26.89 28.08
N LYS A 25 -19.25 -27.04 28.42
CA LYS A 25 -20.13 -27.94 27.71
C LYS A 25 -20.21 -27.54 26.23
N THR A 26 -20.30 -26.23 25.99
CA THR A 26 -20.37 -25.69 24.65
C THR A 26 -19.07 -26.00 23.91
N ILE A 27 -17.93 -25.85 24.61
CA ILE A 27 -16.63 -26.15 24.01
C ILE A 27 -16.60 -27.60 23.55
N LEU A 28 -17.04 -28.51 24.42
CA LEU A 28 -16.99 -29.93 24.09
C LEU A 28 -17.92 -30.24 22.92
N THR A 29 -19.10 -29.60 22.90
CA THR A 29 -20.06 -29.82 21.82
C THR A 29 -19.47 -29.38 20.49
N ASN A 30 -18.83 -28.19 20.48
CA ASN A 30 -18.25 -27.63 19.28
C ASN A 30 -17.12 -28.50 18.77
N LEU A 31 -16.28 -29.01 19.70
CA LEU A 31 -15.14 -29.81 19.32
C LEU A 31 -15.64 -31.12 18.72
N ASP A 32 -16.69 -31.68 19.34
CA ASP A 32 -17.27 -32.92 18.87
C ASP A 32 -17.82 -32.72 17.46
N GLU A 33 -18.65 -31.68 17.30
CA GLU A 33 -19.27 -31.39 16.01
C GLU A 33 -18.20 -31.20 14.94
N TYR A 34 -17.04 -30.65 15.31
CA TYR A 34 -15.95 -30.54 14.35
C TYR A 34 -15.42 -31.93 14.01
N ASN A 35 -15.25 -32.78 15.02
CA ASN A 35 -14.62 -34.08 14.82
C ASN A 35 -15.55 -34.97 14.00
N LYS A 36 -16.84 -34.93 14.34
CA LYS A 36 -17.84 -35.79 13.72
C LYS A 36 -18.17 -35.27 12.32
N LEU A 37 -17.60 -34.12 11.94
CA LEU A 37 -17.91 -33.49 10.67
C LEU A 37 -17.26 -34.26 9.52
N THR A 38 -18.07 -34.58 8.51
CA THR A 38 -17.63 -35.35 7.36
C THR A 38 -17.81 -34.53 6.09
N THR A 39 -17.85 -33.20 6.24
CA THR A 39 -18.07 -32.30 5.11
C THR A 39 -16.76 -32.11 4.36
N ASN A 40 -16.83 -32.23 3.04
CA ASN A 40 -15.69 -32.03 2.16
C ASN A 40 -15.59 -30.54 1.78
N ASN A 41 -16.44 -29.72 2.40
CA ASN A 41 -16.39 -28.29 2.18
C ASN A 41 -15.45 -27.64 3.19
N ASN A 42 -14.37 -27.03 2.70
CA ASN A 42 -13.30 -26.48 3.54
C ASN A 42 -13.78 -25.28 4.35
N GLU A 43 -14.70 -24.50 3.76
CA GLU A 43 -15.21 -23.32 4.44
C GLU A 43 -15.99 -23.73 5.70
N ASN A 44 -16.75 -24.83 5.60
CA ASN A 44 -17.54 -25.31 6.71
C ASN A 44 -16.63 -25.77 7.84
N LYS A 45 -15.53 -26.44 7.49
CA LYS A 45 -14.52 -26.87 8.44
C LYS A 45 -13.94 -25.69 9.18
N TYR A 46 -13.53 -24.66 8.42
CA TYR A 46 -12.93 -23.48 8.99
C TYR A 46 -13.91 -22.79 9.94
N LEU A 47 -15.18 -22.66 9.52
CA LEU A 47 -16.17 -21.97 10.34
C LEU A 47 -16.46 -22.71 11.64
N GLN A 48 -16.43 -24.05 11.57
CA GLN A 48 -16.60 -24.86 12.77
C GLN A 48 -15.41 -24.63 13.69
N LEU A 49 -14.19 -24.60 13.12
CA LEU A 49 -13.00 -24.34 13.92
C LEU A 49 -13.09 -22.98 14.60
N LYS A 50 -13.61 -21.98 13.86
CA LYS A 50 -13.68 -20.63 14.38
C LYS A 50 -14.70 -20.60 15.52
N LYS A 51 -15.81 -21.34 15.36
CA LYS A 51 -16.82 -21.39 16.40
C LYS A 51 -16.24 -22.00 17.67
N LEU A 52 -15.47 -23.09 17.50
CA LEU A 52 -14.80 -23.76 18.61
C LEU A 52 -13.85 -22.80 19.32
N ASN A 53 -13.02 -22.11 18.53
CA ASN A 53 -12.03 -21.17 19.06
C ASN A 53 -12.71 -20.05 19.84
N GLU A 54 -13.85 -19.57 19.34
CA GLU A 54 -14.59 -18.50 19.99
C GLU A 54 -15.15 -18.99 21.32
N SER A 55 -15.64 -20.24 21.36
CA SER A 55 -16.16 -20.80 22.59
C SER A 55 -15.04 -20.93 23.62
N ILE A 56 -13.86 -21.38 23.16
CA ILE A 56 -12.72 -21.51 24.05
C ILE A 56 -12.42 -20.13 24.64
N ASP A 57 -12.41 -19.10 23.79
CA ASP A 57 -12.05 -17.76 24.22
C ASP A 57 -13.02 -17.28 25.27
N VAL A 58 -14.31 -17.58 25.07
CA VAL A 58 -15.36 -17.12 25.97
C VAL A 58 -15.10 -17.74 27.35
N PHE A 59 -14.79 -19.04 27.37
CA PHE A 59 -14.51 -19.73 28.60
C PHE A 59 -13.28 -19.12 29.29
N MET A 60 -12.16 -19.06 28.56
CA MET A 60 -10.90 -18.66 29.15
C MET A 60 -10.94 -17.21 29.63
N ASN A 61 -11.93 -16.44 29.16
CA ASN A 61 -12.08 -15.04 29.53
C ASN A 61 -13.01 -14.91 30.74
N LYS A 62 -13.97 -15.83 30.88
CA LYS A 62 -14.85 -15.80 32.04
C LYS A 62 -14.10 -16.35 33.26
N TYR A 63 -13.66 -17.61 33.18
CA TYR A 63 -12.97 -18.25 34.30
C TYR A 63 -11.47 -18.22 34.06
N LYS A 64 -10.85 -17.07 34.40
CA LYS A 64 -9.46 -16.80 34.05
C LYS A 64 -8.51 -17.65 34.89
N THR A 65 -9.02 -18.23 35.98
CA THR A 65 -8.18 -18.97 36.91
C THR A 65 -8.42 -20.47 36.78
N SER A 66 -9.28 -20.87 35.83
CA SER A 66 -9.69 -22.25 35.68
C SER A 66 -8.48 -23.14 35.38
N SER A 67 -8.50 -24.34 35.96
CA SER A 67 -7.42 -25.30 35.74
C SER A 67 -7.51 -25.85 34.32
N ARG A 68 -8.69 -25.74 33.69
CA ARG A 68 -8.90 -26.21 32.33
C ARG A 68 -8.14 -25.34 31.32
N ASN A 69 -7.89 -24.08 31.65
CA ASN A 69 -7.18 -23.15 30.78
C ASN A 69 -5.89 -23.75 30.24
N ARG A 70 -5.28 -24.63 31.02
CA ARG A 70 -4.02 -25.21 30.61
C ARG A 70 -4.22 -25.98 29.30
N ALA A 71 -5.20 -26.89 29.31
CA ALA A 71 -5.46 -27.72 28.15
C ALA A 71 -6.17 -26.89 27.07
N LEU A 72 -7.05 -25.97 27.48
CA LEU A 72 -7.79 -25.19 26.51
C LEU A 72 -6.83 -24.30 25.71
N SER A 73 -5.67 -23.96 26.32
CA SER A 73 -4.66 -23.21 25.61
C SER A 73 -3.98 -24.07 24.55
N ASN A 74 -3.70 -25.34 24.91
CA ASN A 74 -2.99 -26.23 24.01
C ASN A 74 -3.83 -26.54 22.78
N LEU A 75 -5.14 -26.73 22.99
CA LEU A 75 -6.07 -26.98 21.91
C LEU A 75 -6.08 -25.80 20.95
N LYS A 76 -5.97 -24.58 21.49
CA LYS A 76 -5.89 -23.40 20.65
C LYS A 76 -4.68 -23.48 19.72
N LYS A 77 -3.52 -23.88 20.27
CA LYS A 77 -2.32 -24.02 19.47
C LYS A 77 -2.55 -25.09 18.40
N ASP A 78 -3.40 -26.07 18.72
CA ASP A 78 -3.70 -27.13 17.78
C ASP A 78 -4.56 -26.56 16.67
N ILE A 79 -5.54 -25.73 17.04
CA ILE A 79 -6.51 -25.20 16.08
C ILE A 79 -5.79 -24.39 15.00
N LEU A 80 -4.86 -23.53 15.39
CA LEU A 80 -4.02 -22.84 14.42
C LEU A 80 -3.38 -23.85 13.47
N LYS A 81 -2.72 -24.87 14.02
CA LYS A 81 -2.02 -25.84 13.19
C LYS A 81 -3.00 -26.55 12.25
N GLU A 82 -4.28 -26.64 12.68
CA GLU A 82 -5.33 -27.31 11.95
C GLU A 82 -5.77 -26.45 10.76
N VAL A 83 -5.76 -25.13 10.93
CA VAL A 83 -6.11 -24.21 9.86
C VAL A 83 -5.19 -24.45 8.65
N ILE A 84 -3.88 -24.32 8.86
CA ILE A 84 -2.91 -24.63 7.82
C ILE A 84 -3.19 -26.01 7.25
N LEU A 85 -3.47 -26.98 8.12
CA LEU A 85 -3.63 -28.37 7.70
C LEU A 85 -4.72 -28.45 6.63
N ILE A 86 -5.78 -27.65 6.77
CA ILE A 86 -6.88 -27.67 5.82
C ILE A 86 -6.48 -26.93 4.55
N LYS A 87 -5.71 -25.84 4.71
CA LYS A 87 -5.35 -25.01 3.58
C LYS A 87 -4.43 -25.79 2.63
N ASN A 88 -3.40 -26.42 3.20
CA ASN A 88 -2.34 -27.02 2.42
C ASN A 88 -2.77 -28.39 1.85
N SER A 89 -3.89 -28.96 2.32
CA SER A 89 -4.04 -30.40 2.12
C SER A 89 -4.49 -30.83 0.72
N ASN A 90 -5.43 -30.05 0.14
CA ASN A 90 -6.22 -30.24 -1.08
C ASN A 90 -6.25 -28.88 -1.79
N THR A 91 -5.60 -28.81 -2.95
CA THR A 91 -5.54 -27.64 -3.78
C THR A 91 -5.98 -28.05 -5.18
N SER A 92 -6.61 -27.13 -5.91
CA SER A 92 -6.89 -27.32 -7.32
C SER A 92 -6.43 -26.05 -8.03
N PRO A 93 -6.32 -26.04 -9.37
CA PRO A 93 -5.91 -24.82 -10.09
C PRO A 93 -7.04 -23.80 -10.12
N VAL A 94 -6.67 -22.50 -10.19
CA VAL A 94 -7.65 -21.42 -10.23
C VAL A 94 -8.37 -21.47 -11.56
N GLU A 95 -9.60 -20.94 -11.56
CA GLU A 95 -10.31 -20.66 -12.80
C GLU A 95 -9.38 -19.88 -13.72
N LYS A 96 -9.29 -20.33 -14.97
CA LYS A 96 -8.35 -19.74 -15.91
C LYS A 96 -8.92 -18.45 -16.48
N ASN A 97 -9.03 -17.45 -15.60
CA ASN A 97 -9.45 -16.11 -15.96
C ASN A 97 -8.32 -15.15 -15.60
N LEU A 98 -8.00 -14.22 -16.52
CA LEU A 98 -7.13 -13.09 -16.21
C LEU A 98 -7.95 -11.82 -16.12
N HIS A 99 -7.95 -11.22 -14.93
CA HIS A 99 -8.72 -10.02 -14.65
C HIS A 99 -7.85 -8.77 -14.68
N PHE A 100 -8.27 -7.79 -15.48
CA PHE A 100 -7.69 -6.46 -15.47
C PHE A 100 -8.80 -5.46 -15.29
N VAL A 101 -8.45 -4.24 -14.86
CA VAL A 101 -9.40 -3.18 -14.65
C VAL A 101 -8.85 -1.90 -15.27
N TRP A 102 -9.68 -1.23 -16.07
CA TRP A 102 -9.41 0.15 -16.45
C TRP A 102 -10.73 0.92 -16.46
N ILE A 103 -10.85 1.86 -15.53
CA ILE A 103 -12.09 2.59 -15.33
C ILE A 103 -11.80 4.07 -15.35
N GLY A 104 -12.74 4.85 -15.92
CA GLY A 104 -12.69 6.30 -15.82
C GLY A 104 -12.40 7.00 -17.15
N GLY A 105 -12.05 6.23 -18.18
CA GLY A 105 -11.72 6.82 -19.46
C GLY A 105 -11.27 5.77 -20.45
N GLU A 106 -10.67 6.24 -21.55
CA GLU A 106 -10.29 5.37 -22.65
C GLU A 106 -9.02 4.65 -22.25
N VAL A 107 -9.02 3.32 -22.38
CA VAL A 107 -7.84 2.52 -22.11
C VAL A 107 -6.76 2.88 -23.14
N SER A 108 -5.53 3.07 -22.66
CA SER A 108 -4.42 3.43 -23.51
C SER A 108 -3.87 2.20 -24.22
N ASP A 109 -3.01 2.43 -25.21
CA ASP A 109 -2.39 1.36 -25.97
C ASP A 109 -1.30 0.67 -25.16
N ILE A 110 -0.70 1.40 -24.20
CA ILE A 110 0.35 0.84 -23.37
C ILE A 110 -0.25 -0.29 -22.53
N ALA A 111 -1.38 -0.02 -21.89
CA ALA A 111 -2.06 -1.01 -21.07
C ALA A 111 -2.43 -2.22 -21.93
N LEU A 112 -2.91 -1.93 -23.16
CA LEU A 112 -3.36 -2.98 -24.04
C LEU A 112 -2.19 -3.88 -24.40
N GLU A 113 -1.00 -3.28 -24.58
CA GLU A 113 0.16 -4.07 -24.97
C GLU A 113 0.64 -4.94 -23.82
N TYR A 114 0.59 -4.38 -22.61
CA TYR A 114 0.92 -5.16 -21.43
C TYR A 114 -0.04 -6.35 -21.30
N ILE A 115 -1.33 -6.11 -21.54
CA ILE A 115 -2.32 -7.18 -21.47
C ILE A 115 -2.05 -8.20 -22.58
N LYS A 116 -1.63 -7.70 -23.75
CA LYS A 116 -1.38 -8.53 -24.93
C LYS A 116 -0.32 -9.57 -24.59
N GLN A 117 0.71 -9.16 -23.84
CA GLN A 117 1.77 -10.11 -23.48
C GLN A 117 1.14 -11.29 -22.73
N TRP A 118 0.34 -10.98 -21.71
CA TRP A 118 -0.29 -12.02 -20.92
C TRP A 118 -1.14 -12.93 -21.81
N ALA A 119 -1.90 -12.31 -22.72
CA ALA A 119 -2.88 -13.05 -23.50
C ALA A 119 -2.18 -13.91 -24.54
N ASP A 120 -1.02 -13.44 -25.03
CA ASP A 120 -0.27 -14.20 -26.02
C ASP A 120 0.33 -15.45 -25.36
N ILE A 121 0.87 -15.29 -24.15
CA ILE A 121 1.55 -16.38 -23.46
C ILE A 121 0.55 -17.40 -22.91
N ASN A 122 -0.69 -16.97 -22.63
CA ASN A 122 -1.63 -17.77 -21.87
C ASN A 122 -2.94 -17.87 -22.63
N ALA A 123 -2.86 -18.40 -23.86
CA ALA A 123 -3.97 -18.42 -24.80
C ALA A 123 -5.17 -19.19 -24.26
N GLU A 124 -4.96 -20.00 -23.21
CA GLU A 124 -6.04 -20.79 -22.63
C GLU A 124 -6.81 -20.00 -21.56
N TYR A 125 -6.24 -18.88 -21.08
CA TYR A 125 -6.89 -18.08 -20.06
C TYR A 125 -7.81 -17.05 -20.70
N ASN A 126 -9.01 -16.88 -20.13
CA ASN A 126 -9.89 -15.81 -20.56
C ASN A 126 -9.36 -14.48 -20.07
N ILE A 127 -9.30 -13.50 -20.97
CA ILE A 127 -8.93 -12.15 -20.59
C ILE A 127 -10.20 -11.35 -20.32
N LYS A 128 -10.27 -10.73 -19.14
CA LYS A 128 -11.40 -9.91 -18.76
C LYS A 128 -10.91 -8.51 -18.41
N LEU A 129 -11.10 -7.56 -19.33
CA LEU A 129 -10.80 -6.17 -19.05
C LEU A 129 -12.06 -5.50 -18.53
N TRP A 130 -12.13 -5.31 -17.21
CA TRP A 130 -13.31 -4.76 -16.57
C TRP A 130 -13.32 -3.25 -16.75
N TYR A 131 -14.50 -2.71 -17.05
CA TYR A 131 -14.69 -1.29 -17.22
C TYR A 131 -16.07 -0.91 -16.70
N ASP A 132 -16.28 0.41 -16.56
CA ASP A 132 -17.57 0.96 -16.19
C ASP A 132 -18.17 1.70 -17.39
N SER A 133 -19.25 1.14 -17.93
CA SER A 133 -19.84 1.65 -19.17
C SER A 133 -20.49 3.02 -18.95
N GLU A 134 -20.59 3.46 -17.69
CA GLU A 134 -21.26 4.73 -17.43
C GLU A 134 -20.29 5.82 -16.98
N ALA A 135 -18.99 5.50 -16.93
CA ALA A 135 -18.04 6.39 -16.29
C ALA A 135 -16.79 6.54 -17.16
N PHE A 136 -17.00 6.85 -18.44
CA PHE A 136 -15.89 7.04 -19.35
C PHE A 136 -15.32 8.45 -19.21
N LEU A 137 -16.03 9.35 -18.53
CA LEU A 137 -15.61 10.74 -18.53
C LEU A 137 -15.09 11.17 -17.16
N VAL A 138 -14.81 10.22 -16.27
CA VAL A 138 -14.42 10.57 -14.92
C VAL A 138 -13.03 11.21 -14.93
N ASN A 139 -12.14 10.67 -15.76
CA ASN A 139 -10.78 11.18 -15.86
C ASN A 139 -10.77 12.57 -16.50
N THR A 140 -11.70 12.77 -17.45
CA THR A 140 -11.83 14.07 -18.07
C THR A 140 -12.23 15.11 -17.03
N LEU A 141 -13.21 14.77 -16.19
CA LEU A 141 -13.67 15.69 -15.16
C LEU A 141 -12.56 15.98 -14.17
N LYS A 142 -11.80 14.95 -13.78
CA LYS A 142 -10.71 15.13 -12.84
C LYS A 142 -9.65 16.06 -13.45
N LYS A 143 -9.31 15.80 -14.72
CA LYS A 143 -8.34 16.63 -15.43
C LYS A 143 -8.80 18.08 -15.41
N ALA A 144 -10.08 18.32 -15.74
CA ALA A 144 -10.65 19.66 -15.80
C ALA A 144 -10.55 20.37 -14.44
N ILE A 145 -10.88 19.64 -13.37
CA ILE A 145 -10.88 20.21 -12.03
C ILE A 145 -9.46 20.58 -11.62
N VAL A 146 -8.52 19.67 -11.85
CA VAL A 146 -7.14 19.90 -11.44
C VAL A 146 -6.52 21.04 -12.25
N GLU A 147 -6.86 21.14 -13.54
CA GLU A 147 -6.27 22.18 -14.38
C GLU A 147 -6.81 23.56 -14.00
N SER A 148 -8.13 23.64 -13.76
CA SER A 148 -8.76 24.86 -13.30
C SER A 148 -8.12 25.30 -11.99
N SER A 149 -7.90 24.35 -11.09
CA SER A 149 -7.37 24.63 -9.76
C SER A 149 -5.92 25.08 -9.85
N THR A 150 -5.14 24.41 -10.73
CA THR A 150 -3.77 24.81 -11.00
C THR A 150 -3.71 26.27 -11.45
N THR A 151 -4.52 26.64 -12.44
CA THR A 151 -4.48 28.00 -12.96
C THR A 151 -4.86 28.99 -11.86
N GLU A 152 -5.87 28.64 -11.06
CA GLU A 152 -6.35 29.51 -10.00
C GLU A 152 -5.24 29.74 -8.98
N ALA A 153 -4.53 28.67 -8.62
CA ALA A 153 -3.47 28.78 -7.62
C ALA A 153 -2.26 29.54 -8.18
N LEU A 154 -1.97 29.37 -9.47
CA LEU A 154 -0.86 30.09 -10.07
C LEU A 154 -1.13 31.59 -10.09
N GLN A 155 -2.33 31.96 -10.53
CA GLN A 155 -2.73 33.37 -10.62
C GLN A 155 -2.78 34.00 -9.23
N LEU A 156 -3.13 33.20 -8.22
CA LEU A 156 -3.19 33.69 -6.85
C LEU A 156 -1.79 34.05 -6.35
N LEU A 157 -0.80 33.20 -6.64
CA LEU A 157 0.55 33.38 -6.13
C LEU A 157 1.46 33.91 -7.23
N GLU A 158 0.86 34.63 -8.18
CA GLU A 158 1.59 35.26 -9.29
C GLU A 158 2.86 35.95 -8.79
N GLU A 159 2.75 36.72 -7.70
CA GLU A 159 3.84 37.55 -7.22
C GLU A 159 4.94 36.72 -6.55
N GLU A 160 4.68 35.43 -6.28
CA GLU A 160 5.60 34.67 -5.45
C GLU A 160 6.26 33.53 -6.22
N ILE A 161 5.56 32.95 -7.21
CA ILE A 161 6.03 31.73 -7.87
C ILE A 161 7.32 32.02 -8.64
N GLN A 162 7.62 33.30 -8.86
CA GLN A 162 8.80 33.67 -9.63
C GLN A 162 10.04 33.58 -8.75
N ASN A 163 9.84 33.62 -7.42
CA ASN A 163 10.95 33.54 -6.48
C ASN A 163 11.51 32.12 -6.50
N PRO A 164 12.81 31.92 -6.78
CA PRO A 164 13.41 30.58 -6.78
C PRO A 164 13.39 29.88 -5.43
N GLN A 165 13.09 30.63 -4.34
CA GLN A 165 13.06 30.06 -3.00
C GLN A 165 11.61 29.85 -2.55
N PHE A 166 10.70 29.72 -3.53
CA PHE A 166 9.30 29.51 -3.23
C PHE A 166 9.08 28.06 -2.85
N ASP A 167 8.34 27.84 -1.76
CA ASP A 167 8.00 26.47 -1.38
C ASP A 167 6.80 25.98 -2.19
N ASN A 168 7.02 24.88 -2.93
CA ASN A 168 6.02 24.34 -3.85
C ASN A 168 4.81 23.82 -3.09
N MET A 169 5.03 23.45 -1.83
CA MET A 169 3.96 22.90 -1.02
C MET A 169 2.87 23.97 -0.83
N LYS A 170 3.30 25.24 -0.80
CA LYS A 170 2.36 26.34 -0.65
C LYS A 170 1.41 26.36 -1.85
N PHE A 171 1.93 25.99 -3.02
CA PHE A 171 1.11 25.93 -4.22
C PHE A 171 0.11 24.79 -4.11
N TYR A 172 0.58 23.61 -3.72
CA TYR A 172 -0.28 22.43 -3.68
C TYR A 172 -1.34 22.60 -2.60
N LYS A 173 -0.99 23.27 -1.49
CA LYS A 173 -1.94 23.47 -0.42
C LYS A 173 -3.05 24.41 -0.89
N LYS A 174 -2.66 25.42 -1.67
CA LYS A 174 -3.61 26.46 -2.05
C LYS A 174 -4.54 25.88 -3.12
N ARG A 175 -3.96 25.03 -3.95
CA ARG A 175 -4.72 24.43 -5.04
C ARG A 175 -5.77 23.46 -4.47
N MET A 176 -5.40 22.79 -3.38
CA MET A 176 -6.29 21.80 -2.81
C MET A 176 -7.61 22.45 -2.43
N GLU A 177 -7.56 23.68 -1.94
CA GLU A 177 -8.77 24.40 -1.58
C GLU A 177 -9.74 24.51 -2.75
N PHE A 178 -9.21 24.86 -3.93
CA PHE A 178 -10.04 24.96 -5.12
C PHE A 178 -10.51 23.57 -5.55
N ILE A 179 -9.61 22.59 -5.44
CA ILE A 179 -9.96 21.25 -5.88
C ILE A 179 -11.15 20.75 -5.08
N TYR A 180 -11.11 20.96 -3.76
CA TYR A 180 -12.16 20.49 -2.88
C TYR A 180 -13.45 21.24 -3.17
N ASP A 181 -13.33 22.56 -3.39
CA ASP A 181 -14.53 23.33 -3.69
C ASP A 181 -15.21 22.77 -4.93
N ARG A 182 -14.42 22.47 -5.96
CA ARG A 182 -14.97 22.05 -7.24
C ARG A 182 -15.53 20.64 -7.12
N GLN A 183 -14.91 19.82 -6.27
CA GLN A 183 -15.37 18.45 -6.04
C GLN A 183 -16.73 18.50 -5.36
N LYS A 184 -16.88 19.38 -4.38
CA LYS A 184 -18.14 19.55 -3.70
C LYS A 184 -19.22 19.99 -4.70
N ARG A 185 -18.86 20.91 -5.60
CA ARG A 185 -19.84 21.47 -6.54
C ARG A 185 -20.32 20.36 -7.47
N PHE A 186 -19.38 19.58 -7.98
CA PHE A 186 -19.75 18.49 -8.86
C PHE A 186 -20.67 17.50 -8.12
N ILE A 187 -20.32 17.18 -6.88
CA ILE A 187 -21.03 16.15 -6.15
C ILE A 187 -22.46 16.61 -5.85
N ASN A 188 -22.61 17.91 -5.55
CA ASN A 188 -23.92 18.46 -5.26
C ASN A 188 -24.78 18.42 -6.51
N TYR A 189 -24.17 18.73 -7.67
CA TYR A 189 -24.88 18.66 -8.94
C TYR A 189 -25.29 17.22 -9.21
N TYR A 190 -24.35 16.28 -9.01
CA TYR A 190 -24.63 14.88 -9.26
C TYR A 190 -25.79 14.41 -8.37
N ALA A 191 -25.75 14.78 -7.09
CA ALA A 191 -26.77 14.36 -6.14
C ALA A 191 -28.14 14.90 -6.54
N SER A 192 -28.19 16.09 -7.14
CA SER A 192 -29.46 16.65 -7.56
C SER A 192 -29.93 15.96 -8.84
N GLN A 193 -29.00 15.48 -9.67
CA GLN A 193 -29.40 15.01 -10.99
C GLN A 193 -29.76 13.52 -10.95
N ILE A 194 -29.16 12.77 -10.01
CA ILE A 194 -29.17 11.32 -10.05
C ILE A 194 -30.59 10.78 -9.84
N ASN A 195 -31.50 11.59 -9.32
CA ASN A 195 -32.84 11.12 -8.97
C ASN A 195 -33.89 11.66 -9.93
N LYS A 196 -33.52 11.85 -11.19
CA LYS A 196 -34.48 12.28 -12.19
C LYS A 196 -35.23 11.07 -12.74
N PRO A 197 -36.48 11.26 -13.23
CA PRO A 197 -37.27 10.15 -13.78
C PRO A 197 -36.60 9.49 -15.00
N THR A 198 -36.05 10.32 -15.90
CA THR A 198 -35.21 9.82 -16.96
C THR A 198 -33.82 9.53 -16.37
N VAL A 199 -33.67 8.34 -15.81
CA VAL A 199 -32.54 7.98 -14.95
C VAL A 199 -31.22 8.21 -15.66
N PRO A 200 -30.46 9.28 -15.30
CA PRO A 200 -29.26 9.66 -16.02
C PRO A 200 -28.04 8.88 -15.56
N THR A 201 -27.10 8.66 -16.48
CA THR A 201 -25.87 7.95 -16.17
C THR A 201 -24.85 8.91 -15.59
N ILE A 202 -23.75 8.35 -15.08
CA ILE A 202 -22.66 9.14 -14.55
C ILE A 202 -22.12 10.04 -15.65
N ASP A 203 -21.96 9.47 -16.86
CA ASP A 203 -21.39 10.18 -17.99
C ASP A 203 -22.31 11.32 -18.42
N ASP A 204 -23.62 11.09 -18.36
CA ASP A 204 -24.58 12.14 -18.69
C ASP A 204 -24.40 13.34 -17.77
N ILE A 205 -24.29 13.08 -16.45
CA ILE A 205 -24.18 14.15 -15.48
C ILE A 205 -22.83 14.85 -15.66
N ILE A 206 -21.78 14.06 -15.87
CA ILE A 206 -20.45 14.65 -16.05
C ILE A 206 -20.46 15.56 -17.28
N LYS A 207 -21.04 15.07 -18.37
CA LYS A 207 -21.11 15.83 -19.60
C LYS A 207 -21.81 17.16 -19.34
N SER A 208 -22.98 17.11 -18.69
CA SER A 208 -23.75 18.30 -18.41
C SER A 208 -22.91 19.28 -17.59
N HIS A 209 -22.18 18.76 -16.61
CA HIS A 209 -21.45 19.60 -15.67
C HIS A 209 -20.26 20.24 -16.38
N LEU A 210 -19.59 19.49 -17.27
CA LEU A 210 -18.41 20.01 -17.94
C LEU A 210 -18.81 21.05 -18.98
N VAL A 211 -19.97 20.83 -19.63
CA VAL A 211 -20.49 21.76 -20.62
C VAL A 211 -20.87 23.08 -19.95
N SER A 212 -21.54 22.99 -18.79
CA SER A 212 -22.05 24.15 -18.09
C SER A 212 -20.92 24.96 -17.44
N GLU A 213 -20.01 24.27 -16.74
CA GLU A 213 -19.11 24.92 -15.80
C GLU A 213 -17.71 25.04 -16.36
N TYR A 214 -17.34 24.20 -17.34
CA TYR A 214 -15.95 24.15 -17.78
C TYR A 214 -15.83 24.40 -19.28
N ASN A 215 -16.92 24.90 -19.88
CA ASN A 215 -16.94 25.33 -21.27
C ASN A 215 -16.46 24.21 -22.19
N ARG A 216 -16.92 22.98 -21.95
CA ARG A 216 -16.55 21.83 -22.76
C ARG A 216 -17.59 21.66 -23.86
N ASP A 217 -17.17 21.12 -25.00
CA ASP A 217 -18.06 20.84 -26.11
C ASP A 217 -18.72 19.46 -25.93
N GLU A 218 -20.06 19.45 -26.02
CA GLU A 218 -20.84 18.25 -25.79
C GLU A 218 -20.47 17.18 -26.82
N THR A 219 -20.43 17.57 -28.10
CA THR A 219 -20.16 16.64 -29.18
C THR A 219 -18.78 15.99 -29.02
N VAL A 220 -17.82 16.76 -28.54
CA VAL A 220 -16.48 16.25 -28.41
C VAL A 220 -16.45 15.19 -27.31
N LEU A 221 -17.19 15.48 -26.22
CA LEU A 221 -17.25 14.61 -25.06
C LEU A 221 -17.93 13.29 -25.39
N GLU A 222 -19.05 13.37 -26.13
CA GLU A 222 -19.78 12.19 -26.55
C GLU A 222 -18.94 11.36 -27.50
N SER A 223 -18.22 12.05 -28.39
CA SER A 223 -17.35 11.38 -29.34
C SER A 223 -16.34 10.53 -28.57
N TYR A 224 -15.69 11.15 -27.59
CA TYR A 224 -14.67 10.51 -26.76
C TYR A 224 -15.27 9.32 -26.00
N ARG A 225 -16.50 9.49 -25.53
CA ARG A 225 -17.16 8.48 -24.70
C ARG A 225 -17.43 7.23 -25.54
N THR A 226 -18.02 7.42 -26.73
CA THR A 226 -18.33 6.32 -27.62
C THR A 226 -17.05 5.65 -28.11
N ASN A 227 -16.01 6.45 -28.37
CA ASN A 227 -14.71 5.91 -28.74
C ASN A 227 -14.16 5.00 -27.65
N SER A 228 -14.25 5.45 -26.39
CA SER A 228 -13.76 4.68 -25.26
C SER A 228 -14.50 3.35 -25.15
N LEU A 229 -15.83 3.42 -25.31
CA LEU A 229 -16.65 2.22 -25.25
C LEU A 229 -16.27 1.25 -26.37
N ARG A 230 -16.09 1.78 -27.58
CA ARG A 230 -15.79 0.95 -28.73
C ARG A 230 -14.43 0.30 -28.52
N LYS A 231 -13.50 1.09 -27.98
CA LYS A 231 -12.13 0.61 -27.92
C LYS A 231 -12.02 -0.50 -26.89
N ILE A 232 -12.71 -0.33 -25.76
CA ILE A 232 -12.60 -1.31 -24.69
C ILE A 232 -13.39 -2.58 -25.04
N ASN A 233 -14.50 -2.42 -25.76
CA ASN A 233 -15.30 -3.57 -26.14
C ASN A 233 -14.57 -4.44 -27.16
N SER A 234 -13.54 -3.89 -27.82
CA SER A 234 -12.82 -4.61 -28.86
C SER A 234 -11.59 -5.30 -28.29
N ASN A 235 -11.33 -5.12 -26.99
CA ASN A 235 -10.12 -5.61 -26.38
C ASN A 235 -10.47 -6.29 -25.07
N HIS A 236 -11.37 -7.28 -25.15
CA HIS A 236 -11.74 -8.14 -24.02
C HIS A 236 -12.54 -7.38 -22.97
N GLY A 237 -13.19 -6.29 -23.37
CA GLY A 237 -13.91 -5.47 -22.41
C GLY A 237 -15.11 -6.21 -21.85
N ILE A 238 -15.40 -5.96 -20.56
CA ILE A 238 -16.58 -6.50 -19.91
C ILE A 238 -17.06 -5.47 -18.88
N ASP A 239 -18.37 -5.20 -18.92
CA ASP A 239 -18.97 -4.11 -18.16
C ASP A 239 -19.37 -4.60 -16.77
N ILE A 240 -18.97 -3.85 -15.75
CA ILE A 240 -19.28 -4.20 -14.38
C ILE A 240 -20.78 -4.01 -14.15
N ARG A 241 -21.40 -3.12 -14.95
CA ARG A 241 -22.77 -2.72 -14.73
C ARG A 241 -23.72 -3.75 -15.33
N ALA A 242 -23.20 -4.61 -16.22
CA ALA A 242 -24.02 -5.59 -16.90
C ALA A 242 -23.79 -7.01 -16.37
N ASN A 243 -22.79 -7.20 -15.51
CA ASN A 243 -22.47 -8.54 -15.03
C ASN A 243 -22.80 -8.69 -13.56
N SER A 244 -23.40 -7.67 -12.96
CA SER A 244 -23.95 -7.75 -11.62
C SER A 244 -22.87 -8.03 -10.56
N LEU A 245 -21.72 -7.33 -10.67
CA LEU A 245 -20.67 -7.48 -9.70
C LEU A 245 -21.09 -6.84 -8.37
N PHE A 246 -22.06 -5.93 -8.45
CA PHE A 246 -22.47 -5.19 -7.27
C PHE A 246 -23.82 -5.70 -6.79
N THR A 247 -23.80 -6.52 -5.75
CA THR A 247 -25.03 -7.03 -5.17
C THR A 247 -25.33 -6.30 -3.87
N GLU A 248 -24.27 -5.99 -3.09
CA GLU A 248 -24.44 -5.18 -1.89
C GLU A 248 -24.40 -3.69 -2.25
N GLN A 249 -25.41 -2.95 -1.81
CA GLN A 249 -25.46 -1.51 -1.99
C GLN A 249 -24.25 -0.86 -1.30
N GLU A 250 -23.78 -1.46 -0.21
CA GLU A 250 -22.71 -0.88 0.58
C GLU A 250 -21.42 -0.84 -0.23
N LEU A 251 -21.14 -1.92 -0.99
CA LEU A 251 -19.94 -1.97 -1.80
C LEU A 251 -20.08 -1.00 -2.97
N LEU A 252 -21.29 -0.87 -3.51
CA LEU A 252 -21.49 0.01 -4.64
C LEU A 252 -21.24 1.43 -4.16
N ASN A 253 -21.65 1.71 -2.92
CA ASN A 253 -21.50 3.03 -2.33
C ASN A 253 -20.02 3.36 -2.16
N ILE A 254 -19.24 2.37 -1.72
CA ILE A 254 -17.81 2.55 -1.56
C ILE A 254 -17.19 2.85 -2.91
N TYR A 255 -17.47 2.00 -3.89
CA TYR A 255 -16.96 2.15 -5.23
C TYR A 255 -17.29 3.53 -5.79
N SER A 256 -18.54 3.98 -5.58
CA SER A 256 -19.02 5.23 -6.18
C SER A 256 -18.36 6.42 -5.51
N GLN A 257 -18.12 6.30 -4.21
CA GLN A 257 -17.59 7.42 -3.45
C GLN A 257 -16.15 7.64 -3.89
N GLU A 258 -15.49 6.55 -4.30
CA GLU A 258 -14.11 6.65 -4.76
C GLU A 258 -14.10 7.14 -6.21
N LEU A 259 -15.04 6.62 -7.00
CA LEU A 259 -15.09 6.93 -8.43
C LEU A 259 -15.61 8.36 -8.66
N LEU A 260 -16.50 8.85 -7.79
CA LEU A 260 -17.14 10.13 -8.01
C LEU A 260 -16.64 11.22 -7.07
N ASN A 261 -16.76 11.01 -5.75
CA ASN A 261 -16.49 12.05 -4.79
C ASN A 261 -15.00 12.40 -4.78
N ARG A 262 -14.15 11.37 -4.88
CA ARG A 262 -12.71 11.52 -4.71
C ARG A 262 -11.97 11.51 -6.05
N GLY A 263 -12.50 10.82 -7.06
CA GLY A 263 -11.82 10.66 -8.33
C GLY A 263 -10.57 9.78 -8.21
N ASN A 264 -10.64 8.79 -7.31
CA ASN A 264 -9.57 7.83 -7.11
C ASN A 264 -9.93 6.55 -7.85
N LEU A 265 -9.39 6.40 -9.07
CA LEU A 265 -9.74 5.25 -9.89
C LEU A 265 -9.05 3.99 -9.37
N ALA A 266 -7.92 4.15 -8.67
CA ALA A 266 -7.21 2.98 -8.17
C ALA A 266 -8.00 2.34 -7.03
N ALA A 267 -8.69 3.16 -6.23
CA ALA A 267 -9.51 2.69 -5.12
C ALA A 267 -10.74 1.95 -5.65
N ALA A 268 -11.36 2.53 -6.68
CA ALA A 268 -12.50 1.91 -7.33
C ALA A 268 -12.09 0.56 -7.92
N SER A 269 -10.89 0.51 -8.50
CA SER A 269 -10.28 -0.67 -9.05
C SER A 269 -10.08 -1.72 -7.95
N ASP A 270 -9.73 -1.23 -6.75
CA ASP A 270 -9.50 -2.08 -5.61
C ASP A 270 -10.79 -2.81 -5.25
N ILE A 271 -11.91 -2.12 -5.36
CA ILE A 271 -13.18 -2.74 -5.04
C ILE A 271 -13.54 -3.74 -6.13
N VAL A 272 -13.37 -3.31 -7.39
CA VAL A 272 -13.83 -4.10 -8.52
C VAL A 272 -13.07 -5.43 -8.58
N ARG A 273 -11.75 -5.38 -8.36
CA ARG A 273 -10.95 -6.60 -8.47
C ARG A 273 -11.42 -7.63 -7.46
N LEU A 274 -11.75 -7.18 -6.24
CA LEU A 274 -12.23 -8.09 -5.21
C LEU A 274 -13.54 -8.72 -5.65
N LEU A 275 -14.47 -7.91 -6.16
CA LEU A 275 -15.78 -8.40 -6.57
C LEU A 275 -15.64 -9.37 -7.73
N ALA A 276 -14.71 -9.09 -8.64
CA ALA A 276 -14.50 -9.95 -9.79
C ALA A 276 -13.91 -11.29 -9.35
N LEU A 277 -12.87 -11.25 -8.50
CA LEU A 277 -12.28 -12.49 -8.01
C LEU A 277 -13.30 -13.31 -7.23
N LYS A 278 -14.23 -12.66 -6.53
CA LYS A 278 -15.26 -13.37 -5.79
C LYS A 278 -16.22 -14.05 -6.76
N ASN A 279 -16.74 -13.30 -7.74
CA ASN A 279 -17.83 -13.79 -8.56
C ASN A 279 -17.34 -14.80 -9.58
N PHE A 280 -16.08 -14.69 -10.02
CA PHE A 280 -15.58 -15.47 -11.14
C PHE A 280 -14.37 -16.31 -10.75
N GLY A 281 -13.47 -15.70 -9.96
CA GLY A 281 -12.23 -16.36 -9.59
C GLY A 281 -11.18 -16.26 -10.68
N GLY A 282 -9.93 -16.54 -10.30
CA GLY A 282 -8.82 -16.54 -11.24
C GLY A 282 -7.66 -15.67 -10.75
N VAL A 283 -7.07 -14.95 -11.71
CA VAL A 283 -5.91 -14.11 -11.45
C VAL A 283 -6.26 -12.67 -11.79
N TYR A 284 -5.97 -11.75 -10.85
CA TYR A 284 -6.06 -10.34 -11.15
C TYR A 284 -4.66 -9.78 -11.33
N LEU A 285 -4.51 -8.89 -12.31
CA LEU A 285 -3.25 -8.21 -12.57
C LEU A 285 -3.53 -6.73 -12.86
N ASP A 286 -2.66 -5.87 -12.35
CA ASP A 286 -2.65 -4.47 -12.76
C ASP A 286 -2.12 -4.36 -14.19
N VAL A 287 -2.49 -3.27 -14.87
CA VAL A 287 -2.17 -3.05 -16.27
C VAL A 287 -0.68 -2.71 -16.45
N ASP A 288 0.05 -2.52 -15.33
CA ASP A 288 1.47 -2.24 -15.38
C ASP A 288 2.29 -3.50 -15.08
N MET A 289 1.61 -4.65 -14.97
CA MET A 289 2.28 -5.89 -14.63
C MET A 289 2.59 -6.68 -15.91
N LEU A 290 3.76 -7.32 -15.93
CA LEU A 290 4.19 -8.09 -17.09
C LEU A 290 4.39 -9.55 -16.68
N PRO A 291 4.25 -10.51 -17.61
CA PRO A 291 4.50 -11.91 -17.31
C PRO A 291 5.92 -12.16 -16.81
N GLY A 292 6.10 -13.31 -16.15
CA GLY A 292 7.39 -13.64 -15.58
C GLY A 292 8.39 -14.00 -16.68
N ILE A 293 9.65 -13.59 -16.50
CA ILE A 293 10.70 -13.89 -17.46
C ILE A 293 11.18 -15.31 -17.20
N HIS A 294 11.59 -16.02 -18.25
CA HIS A 294 12.12 -17.37 -18.11
C HIS A 294 13.21 -17.43 -17.04
N SER A 295 13.07 -18.41 -16.15
CA SER A 295 13.71 -18.51 -14.83
C SER A 295 15.23 -18.45 -14.85
N ASP A 296 15.87 -18.65 -16.01
CA ASP A 296 17.32 -18.73 -16.08
C ASP A 296 17.79 -18.34 -17.47
N LEU A 297 17.10 -17.35 -18.05
CA LEU A 297 17.33 -16.97 -19.43
C LEU A 297 18.56 -16.07 -19.51
N PHE A 298 18.94 -15.45 -18.38
CA PHE A 298 20.04 -14.50 -18.39
C PHE A 298 21.08 -14.85 -17.33
N LYS A 299 21.10 -16.12 -16.91
CA LYS A 299 22.03 -16.56 -15.88
C LYS A 299 23.45 -16.63 -16.42
N THR A 300 23.59 -16.59 -17.75
CA THR A 300 24.88 -16.54 -18.40
C THR A 300 25.50 -15.15 -18.20
N ILE A 301 24.64 -14.13 -18.04
CA ILE A 301 25.07 -12.75 -17.86
C ILE A 301 25.13 -12.45 -16.36
N SER A 302 26.32 -12.10 -15.87
CA SER A 302 26.48 -11.78 -14.45
C SER A 302 26.23 -10.29 -14.23
N ARG A 303 25.43 -10.00 -13.20
CA ARG A 303 25.09 -8.64 -12.80
C ARG A 303 26.38 -7.89 -12.46
N PRO A 304 26.63 -6.69 -13.03
CA PRO A 304 27.78 -5.87 -12.66
C PRO A 304 27.63 -5.28 -11.26
N SER A 305 28.76 -4.96 -10.62
CA SER A 305 28.76 -4.48 -9.24
C SER A 305 28.05 -3.14 -9.13
N SER A 306 28.05 -2.37 -10.22
CA SER A 306 27.44 -1.04 -10.25
C SER A 306 25.94 -1.12 -9.99
N ILE A 307 25.25 -1.89 -10.82
CA ILE A 307 23.79 -1.88 -10.87
C ILE A 307 23.24 -2.82 -9.81
N GLY A 308 22.22 -2.35 -9.10
CA GLY A 308 21.51 -3.16 -8.12
C GLY A 308 20.61 -4.17 -8.80
N LEU A 309 19.85 -4.90 -7.97
CA LEU A 309 19.00 -5.97 -8.45
C LEU A 309 17.79 -5.41 -9.19
N ASP A 310 17.11 -4.46 -8.54
CA ASP A 310 15.87 -3.89 -9.06
C ASP A 310 16.09 -3.35 -10.46
N ARG A 311 17.13 -2.51 -10.61
CA ARG A 311 17.47 -1.89 -11.88
C ARG A 311 17.92 -2.94 -12.89
N TRP A 312 18.62 -3.95 -12.38
CA TRP A 312 19.11 -5.04 -13.21
C TRP A 312 17.93 -5.68 -13.96
N GLU A 313 16.87 -5.98 -13.22
CA GLU A 313 15.65 -6.57 -13.74
C GLU A 313 14.98 -5.65 -14.77
N MET A 314 15.03 -4.34 -14.52
CA MET A 314 14.46 -3.37 -15.44
C MET A 314 15.17 -3.47 -16.78
N ILE A 315 16.50 -3.55 -16.71
CA ILE A 315 17.35 -3.64 -17.88
C ILE A 315 16.99 -4.90 -18.66
N LYS A 316 16.78 -5.99 -17.93
CA LYS A 316 16.36 -7.24 -18.55
C LYS A 316 15.14 -6.98 -19.44
N LEU A 317 14.12 -6.31 -18.86
CA LEU A 317 12.89 -6.03 -19.59
C LEU A 317 13.20 -5.11 -20.77
N GLU A 318 14.01 -4.08 -20.53
CA GLU A 318 14.32 -3.10 -21.57
C GLU A 318 15.00 -3.79 -22.75
N ALA A 319 15.91 -4.70 -22.45
CA ALA A 319 16.61 -5.48 -23.47
C ALA A 319 15.61 -6.28 -24.29
N ILE A 320 14.74 -7.02 -23.60
CA ILE A 320 13.75 -7.85 -24.27
C ILE A 320 12.94 -6.99 -25.24
N MET A 321 12.51 -5.79 -24.78
CA MET A 321 11.63 -4.96 -25.59
C MET A 321 12.40 -4.34 -26.75
N LYS A 322 13.71 -4.12 -26.56
CA LYS A 322 14.51 -3.45 -27.56
C LYS A 322 14.80 -4.37 -28.74
N TYR A 323 14.93 -5.67 -28.48
CA TYR A 323 15.31 -6.61 -29.54
C TYR A 323 14.12 -7.43 -30.02
N LYS A 324 12.95 -7.25 -29.39
CA LYS A 324 11.77 -8.00 -29.78
C LYS A 324 10.63 -7.07 -30.17
N LYS A 325 10.65 -5.84 -29.64
CA LYS A 325 9.64 -4.84 -29.91
C LYS A 325 8.25 -5.45 -29.73
N TYR A 326 8.03 -6.08 -28.57
CA TYR A 326 6.75 -6.67 -28.25
C TYR A 326 5.80 -5.59 -27.76
N ILE A 327 6.37 -4.48 -27.29
CA ILE A 327 5.63 -3.34 -26.80
C ILE A 327 6.25 -2.07 -27.40
N ASN A 328 5.39 -1.24 -28.00
CA ASN A 328 5.84 -0.03 -28.67
C ASN A 328 6.35 0.98 -27.65
N ASN A 329 7.45 1.65 -27.99
CA ASN A 329 7.92 2.81 -27.27
C ASN A 329 8.32 2.45 -25.84
N TYR A 330 8.66 1.19 -25.59
CA TYR A 330 9.15 0.84 -24.27
C TYR A 330 10.51 1.54 -24.08
N THR A 331 10.77 2.05 -22.88
CA THR A 331 11.98 2.82 -22.61
C THR A 331 13.23 1.96 -22.81
N SER A 332 14.38 2.63 -22.92
CA SER A 332 15.67 1.93 -22.97
C SER A 332 16.71 2.68 -22.15
N GLU A 333 16.27 3.73 -21.44
CA GLU A 333 17.14 4.63 -20.72
C GLU A 333 18.27 3.86 -20.04
N ASN A 334 17.92 2.95 -19.13
CA ASN A 334 18.93 2.29 -18.31
C ASN A 334 19.71 1.29 -19.14
N PHE A 335 19.07 0.75 -20.18
CA PHE A 335 19.72 -0.22 -21.03
C PHE A 335 20.80 0.46 -21.87
N ASP A 336 20.61 1.76 -22.13
CA ASP A 336 21.52 2.49 -23.00
C ASP A 336 22.78 2.85 -22.22
N LYS A 337 22.66 2.87 -20.90
CA LYS A 337 23.72 3.36 -20.04
C LYS A 337 24.72 2.24 -19.72
N LEU A 338 24.66 1.12 -20.45
CA LEU A 338 25.61 0.07 -20.16
C LEU A 338 26.48 -0.22 -21.39
N ASP A 339 27.68 -0.76 -21.13
CA ASP A 339 28.73 -1.03 -22.10
C ASP A 339 28.26 -2.11 -23.07
N GLN A 340 28.78 -2.06 -24.31
CA GLN A 340 28.33 -2.94 -25.39
C GLN A 340 28.67 -4.40 -25.09
N GLN A 341 29.70 -4.63 -24.26
CA GLN A 341 30.09 -5.96 -23.81
C GLN A 341 28.85 -6.72 -23.36
N LEU A 342 28.11 -6.13 -22.40
CA LEU A 342 26.88 -6.70 -21.86
C LEU A 342 25.74 -6.52 -22.87
N LYS A 343 25.67 -5.32 -23.44
CA LYS A 343 24.63 -4.95 -24.38
C LYS A 343 24.54 -6.00 -25.50
N ASP A 344 25.64 -6.19 -26.24
CA ASP A 344 25.69 -7.15 -27.34
C ASP A 344 25.32 -8.54 -26.85
N ASN A 345 25.92 -8.93 -25.72
CA ASN A 345 25.71 -10.20 -25.06
C ASN A 345 24.21 -10.51 -24.97
N PHE A 346 23.45 -9.56 -24.41
CA PHE A 346 21.99 -9.70 -24.25
C PHE A 346 21.39 -10.04 -25.61
N LYS A 347 21.60 -9.16 -26.59
CA LYS A 347 21.01 -9.23 -27.92
C LYS A 347 21.11 -10.64 -28.51
N LEU A 348 22.29 -11.26 -28.35
CA LEU A 348 22.53 -12.60 -28.84
C LEU A 348 21.54 -13.56 -28.18
N ILE A 349 21.47 -13.53 -26.84
CA ILE A 349 20.62 -14.43 -26.08
C ILE A 349 19.15 -14.23 -26.47
N ILE A 350 18.74 -12.98 -26.65
CA ILE A 350 17.33 -12.68 -26.92
C ILE A 350 16.98 -13.12 -28.33
N GLU A 351 17.75 -12.67 -29.32
CA GLU A 351 17.42 -12.95 -30.71
C GLU A 351 17.61 -14.43 -31.03
N SER A 352 18.29 -15.16 -30.14
CA SER A 352 18.45 -16.60 -30.32
C SER A 352 17.07 -17.28 -30.23
N LYS A 353 16.21 -16.79 -29.34
CA LYS A 353 14.91 -17.42 -29.10
C LYS A 353 13.91 -17.02 -30.19
N SER A 354 13.06 -17.98 -30.55
CA SER A 354 12.19 -17.85 -31.71
C SER A 354 10.74 -17.59 -31.30
N GLU A 355 10.33 -18.10 -30.14
CA GLU A 355 8.96 -17.94 -29.68
C GLU A 355 8.92 -17.09 -28.42
N LYS A 356 7.78 -16.41 -28.19
CA LYS A 356 7.62 -15.56 -27.03
C LYS A 356 7.65 -16.41 -25.75
N SER A 357 7.19 -17.66 -25.86
CA SER A 357 7.13 -18.56 -24.74
C SER A 357 8.53 -18.90 -24.23
N GLU A 358 9.54 -18.72 -25.09
CA GLU A 358 10.92 -19.01 -24.71
C GLU A 358 11.55 -17.82 -23.97
N ILE A 359 10.80 -16.73 -23.84
CA ILE A 359 11.27 -15.54 -23.13
C ILE A 359 10.47 -15.38 -21.83
N PHE A 360 9.15 -15.45 -21.93
CA PHE A 360 8.26 -15.29 -20.79
C PHE A 360 7.74 -16.64 -20.34
N SER A 361 7.36 -16.71 -19.06
CA SER A 361 6.85 -17.92 -18.44
C SER A 361 5.34 -18.02 -18.66
N LYS A 362 4.85 -19.25 -18.76
CA LYS A 362 3.42 -19.53 -18.82
C LYS A 362 2.90 -19.73 -17.41
N LEU A 363 1.62 -19.42 -17.20
CA LEU A 363 0.99 -19.60 -15.90
C LEU A 363 0.60 -21.06 -15.72
N GLU A 364 0.07 -21.68 -16.78
CA GLU A 364 -0.38 -23.07 -16.72
C GLU A 364 -1.27 -23.27 -15.50
N ASN A 365 -0.98 -24.27 -14.67
CA ASN A 365 -1.83 -24.53 -13.53
C ASN A 365 -1.26 -23.84 -12.28
N LEU A 366 -2.02 -22.87 -11.75
CA LEU A 366 -1.66 -22.24 -10.48
C LEU A 366 -2.51 -22.87 -9.39
N ASN A 367 -1.91 -23.77 -8.62
CA ASN A 367 -2.64 -24.58 -7.66
C ASN A 367 -2.77 -23.79 -6.36
N VAL A 368 -4.02 -23.66 -5.91
CA VAL A 368 -4.33 -22.91 -4.71
C VAL A 368 -5.43 -23.63 -3.93
N SER A 369 -5.70 -23.14 -2.72
CA SER A 369 -6.78 -23.67 -1.90
C SER A 369 -8.01 -22.79 -2.05
N ASP A 370 -9.19 -23.39 -1.89
CA ASP A 370 -10.43 -22.64 -2.05
C ASP A 370 -10.69 -21.73 -0.86
N LEU A 371 -9.72 -21.62 0.04
CA LEU A 371 -9.88 -20.76 1.21
C LEU A 371 -9.06 -19.47 1.04
N GLU A 372 -7.98 -19.56 0.26
CA GLU A 372 -6.94 -18.56 0.33
C GLU A 372 -7.04 -17.57 -0.83
N ILE A 373 -6.21 -16.52 -0.74
CA ILE A 373 -5.90 -15.64 -1.86
C ILE A 373 -4.41 -15.30 -1.80
N LYS A 374 -3.72 -15.48 -2.93
CA LYS A 374 -2.30 -15.15 -3.03
C LYS A 374 -2.15 -13.69 -3.45
N ILE A 375 -1.02 -13.10 -3.04
CA ILE A 375 -0.77 -11.69 -3.23
C ILE A 375 0.70 -11.50 -3.59
N ALA A 376 0.99 -10.45 -4.36
CA ALA A 376 2.35 -10.17 -4.75
C ALA A 376 3.11 -9.55 -3.59
N PHE A 377 4.43 -9.76 -3.60
CA PHE A 377 5.30 -9.27 -2.55
C PHE A 377 6.28 -8.29 -3.16
N ALA A 378 6.59 -7.24 -2.40
CA ALA A 378 7.64 -6.30 -2.73
C ALA A 378 8.14 -5.67 -1.43
N LEU A 379 9.47 -5.52 -1.32
CA LEU A 379 10.13 -5.03 -0.12
C LEU A 379 9.64 -5.81 1.09
N GLY A 380 9.50 -7.14 0.92
CA GLY A 380 9.06 -8.04 1.97
C GLY A 380 7.71 -7.67 2.57
N SER A 381 6.83 -7.05 1.78
CA SER A 381 5.48 -6.73 2.20
C SER A 381 4.50 -7.06 1.07
N VAL A 382 3.20 -6.97 1.37
CA VAL A 382 2.14 -7.34 0.45
C VAL A 382 1.73 -6.14 -0.40
N ILE A 383 1.29 -6.43 -1.64
CA ILE A 383 0.80 -5.41 -2.56
C ILE A 383 -0.14 -6.10 -3.55
N ASN A 384 -1.32 -5.50 -3.77
CA ASN A 384 -2.41 -6.18 -4.43
C ASN A 384 -2.39 -5.94 -5.93
N GLN A 385 -1.19 -5.78 -6.51
CA GLN A 385 -1.06 -5.56 -7.94
C GLN A 385 -1.18 -6.88 -8.71
N ALA A 386 -1.04 -8.01 -8.00
CA ALA A 386 -1.28 -9.33 -8.54
C ALA A 386 -1.95 -10.21 -7.48
N LEU A 387 -3.04 -10.89 -7.86
CA LEU A 387 -3.80 -11.72 -6.93
C LEU A 387 -4.19 -13.01 -7.61
N ILE A 388 -4.27 -14.08 -6.81
CA ILE A 388 -4.79 -15.37 -7.25
C ILE A 388 -5.86 -15.78 -6.25
N SER A 389 -7.03 -16.19 -6.74
CA SER A 389 -8.06 -16.60 -5.80
C SER A 389 -9.11 -17.47 -6.49
N LYS A 390 -9.55 -18.50 -5.79
CA LYS A 390 -10.60 -19.36 -6.30
C LYS A 390 -11.92 -18.61 -6.15
N GLN A 391 -12.91 -18.98 -6.97
CA GLN A 391 -14.19 -18.30 -6.86
C GLN A 391 -14.73 -18.52 -5.46
N GLY A 392 -15.28 -17.45 -4.86
CA GLY A 392 -15.93 -17.52 -3.57
C GLY A 392 -14.98 -17.90 -2.44
N SER A 393 -13.71 -17.49 -2.53
CA SER A 393 -12.75 -17.81 -1.49
C SER A 393 -13.12 -17.08 -0.21
N TYR A 394 -12.87 -17.73 0.94
CA TYR A 394 -13.19 -17.15 2.23
C TYR A 394 -12.31 -15.92 2.49
N LEU A 395 -11.02 -16.03 2.14
CA LEU A 395 -10.09 -14.94 2.39
C LEU A 395 -10.47 -13.69 1.61
N THR A 396 -10.93 -13.85 0.37
CA THR A 396 -11.33 -12.72 -0.43
C THR A 396 -12.50 -12.02 0.25
N ASN A 397 -13.45 -12.81 0.76
CA ASN A 397 -14.58 -12.25 1.49
C ASN A 397 -14.07 -11.56 2.77
N LEU A 398 -12.97 -12.06 3.33
CA LEU A 398 -12.40 -11.42 4.49
C LEU A 398 -11.86 -10.03 4.12
N VAL A 399 -11.22 -9.94 2.96
CA VAL A 399 -10.65 -8.69 2.51
C VAL A 399 -11.80 -7.72 2.24
N ILE A 400 -12.85 -8.22 1.61
CA ILE A 400 -14.01 -7.40 1.34
C ILE A 400 -14.62 -6.91 2.64
N GLU A 401 -14.51 -7.73 3.70
CA GLU A 401 -15.04 -7.36 5.00
C GLU A 401 -14.16 -6.29 5.64
N GLN A 402 -12.83 -6.41 5.46
CA GLN A 402 -11.88 -5.45 5.99
C GLN A 402 -12.16 -4.09 5.34
N VAL A 403 -12.42 -4.10 4.04
CA VAL A 403 -12.66 -2.86 3.32
C VAL A 403 -13.94 -2.20 3.83
N LYS A 404 -15.02 -2.98 3.99
CA LYS A 404 -16.29 -2.42 4.39
C LYS A 404 -16.18 -1.79 5.77
N ASN A 405 -15.38 -2.44 6.60
CA ASN A 405 -15.22 -2.08 8.00
C ASN A 405 -14.46 -0.76 8.09
N ARG A 406 -13.38 -0.64 7.31
CA ARG A 406 -12.58 0.56 7.31
C ARG A 406 -13.36 1.71 6.67
N TYR A 407 -14.19 1.41 5.67
CA TYR A 407 -15.01 2.47 5.08
C TYR A 407 -16.10 2.92 6.05
N GLN A 408 -16.57 2.00 6.89
CA GLN A 408 -17.59 2.31 7.87
C GLN A 408 -17.04 3.32 8.87
N PHE A 409 -15.79 3.10 9.28
CA PHE A 409 -15.14 3.96 10.25
C PHE A 409 -14.76 5.30 9.62
N LEU A 410 -14.30 5.25 8.37
CA LEU A 410 -13.90 6.47 7.71
C LEU A 410 -15.12 7.35 7.49
N ASN A 411 -16.21 6.76 7.00
CA ASN A 411 -17.36 7.55 6.61
C ASN A 411 -18.05 8.09 7.84
N GLN A 412 -18.01 7.33 8.93
CA GLN A 412 -18.65 7.75 10.17
C GLN A 412 -17.98 9.01 10.70
N HIS A 413 -16.66 9.10 10.49
CA HIS A 413 -15.87 10.20 11.03
C HIS A 413 -15.77 11.33 10.01
N LEU A 414 -16.06 11.04 8.74
CA LEU A 414 -15.80 12.03 7.72
C LEU A 414 -17.09 12.73 7.29
N ASN A 415 -18.23 12.02 7.37
CA ASN A 415 -19.47 12.54 6.83
C ASN A 415 -19.88 13.86 7.45
N PRO A 416 -19.85 14.02 8.80
CA PRO A 416 -20.20 15.31 9.42
C PRO A 416 -19.39 16.50 8.89
N ALA A 417 -18.07 16.30 8.75
CA ALA A 417 -17.20 17.36 8.26
C ALA A 417 -17.54 17.73 6.81
N ILE A 418 -17.72 16.72 5.94
CA ILE A 418 -18.08 16.96 4.56
C ILE A 418 -19.38 17.77 4.52
N GLU A 419 -20.38 17.34 5.31
CA GLU A 419 -21.71 17.89 5.27
C GLU A 419 -21.75 19.30 5.87
N SER A 420 -20.73 19.65 6.68
CA SER A 420 -20.68 20.95 7.31
C SER A 420 -20.55 22.05 6.27
N ASP A 421 -20.07 21.67 5.07
CA ASP A 421 -19.90 22.60 3.97
C ASP A 421 -19.00 23.77 4.38
N ASN A 422 -17.82 23.43 4.94
CA ASN A 422 -16.74 24.38 5.17
C ASN A 422 -15.71 24.25 4.04
N ASN A 423 -14.73 25.16 4.01
CA ASN A 423 -13.64 25.06 3.06
C ASN A 423 -12.82 23.80 3.36
N PHE A 424 -11.75 23.59 2.58
CA PHE A 424 -10.94 22.40 2.71
C PHE A 424 -10.27 22.34 4.09
N THR A 425 -9.69 23.47 4.53
CA THR A 425 -8.92 23.47 5.77
C THR A 425 -9.82 23.11 6.95
N ASP A 426 -10.98 23.76 7.03
CA ASP A 426 -11.87 23.64 8.17
C ASP A 426 -12.49 22.26 8.19
N THR A 427 -12.79 21.72 7.01
CA THR A 427 -13.32 20.36 6.92
C THR A 427 -12.26 19.38 7.39
N THR A 428 -11.00 19.65 7.01
CA THR A 428 -9.90 18.79 7.42
C THR A 428 -9.76 18.84 8.94
N LYS A 429 -9.90 20.05 9.48
CA LYS A 429 -9.79 20.27 10.91
C LYS A 429 -10.82 19.45 11.67
N ILE A 430 -12.09 19.51 11.21
CA ILE A 430 -13.17 18.76 11.85
C ILE A 430 -12.90 17.27 11.74
N PHE A 431 -12.50 16.81 10.55
CA PHE A 431 -12.25 15.40 10.32
C PHE A 431 -11.15 14.91 11.26
N HIS A 432 -10.07 15.68 11.37
CA HIS A 432 -8.94 15.32 12.21
C HIS A 432 -9.35 15.31 13.68
N ASP A 433 -10.25 16.23 14.06
CA ASP A 433 -10.73 16.28 15.43
C ASP A 433 -11.51 15.00 15.74
N SER A 434 -12.32 14.56 14.79
CA SER A 434 -13.08 13.34 14.94
C SER A 434 -12.13 12.14 15.10
N LEU A 435 -11.09 12.13 14.26
CA LEU A 435 -10.13 11.03 14.31
C LEU A 435 -9.46 11.01 15.68
N PHE A 436 -8.96 12.18 16.07
CA PHE A 436 -8.25 12.41 17.32
C PHE A 436 -9.08 11.91 18.50
N ASN A 437 -10.37 12.29 18.51
CA ASN A 437 -11.29 11.93 19.58
C ASN A 437 -11.52 10.42 19.63
N SER A 438 -11.37 9.72 18.49
CA SER A 438 -11.70 8.30 18.41
C SER A 438 -10.44 7.44 18.55
N ALA A 439 -9.35 8.05 19.05
CA ALA A 439 -8.06 7.38 19.05
C ALA A 439 -7.96 6.40 20.21
N THR A 440 -7.47 5.20 19.89
CA THR A 440 -7.16 4.18 20.90
C THR A 440 -5.77 3.63 20.62
N ALA A 441 -5.32 2.70 21.47
CA ALA A 441 -4.03 2.06 21.25
C ALA A 441 -4.19 0.92 20.24
N GLU A 442 -5.39 0.74 19.69
CA GLU A 442 -5.65 -0.33 18.74
C GLU A 442 -5.68 0.19 17.31
N ASN A 443 -5.93 1.50 17.13
CA ASN A 443 -6.33 2.03 15.83
C ASN A 443 -5.57 3.31 15.48
N SER A 444 -4.61 3.72 16.33
CA SER A 444 -3.92 4.99 16.17
C SER A 444 -3.14 5.06 14.85
N MET A 445 -2.42 3.98 14.54
CA MET A 445 -1.62 3.93 13.32
C MET A 445 -2.52 4.01 12.09
N PHE A 446 -3.72 3.42 12.20
CA PHE A 446 -4.70 3.47 11.14
C PHE A 446 -5.20 4.90 10.93
N LEU A 447 -5.46 5.62 12.03
CA LEU A 447 -5.93 7.00 11.94
C LEU A 447 -4.88 7.88 11.28
N THR A 448 -3.60 7.60 11.59
CA THR A 448 -2.50 8.38 11.02
C THR A 448 -2.52 8.21 9.51
N LYS A 449 -2.75 6.97 9.06
CA LYS A 449 -2.70 6.63 7.64
C LYS A 449 -3.86 7.25 6.88
N ILE A 450 -5.06 7.27 7.47
CA ILE A 450 -6.24 7.72 6.74
C ILE A 450 -6.41 9.22 6.89
N ALA A 451 -5.47 9.89 7.56
CA ALA A 451 -5.65 11.29 7.90
C ALA A 451 -5.74 12.17 6.65
N PRO A 452 -4.81 12.06 5.66
CA PRO A 452 -4.94 12.83 4.43
C PRO A 452 -5.80 12.18 3.33
N TYR A 453 -6.99 11.69 3.71
CA TYR A 453 -7.84 10.99 2.76
C TYR A 453 -8.34 11.92 1.65
N LEU A 454 -8.68 13.16 2.01
CA LEU A 454 -9.27 14.10 1.06
C LEU A 454 -8.22 14.55 0.05
N GLN A 455 -6.93 14.38 0.39
CA GLN A 455 -5.85 14.92 -0.42
C GLN A 455 -5.35 13.88 -1.42
N VAL A 456 -5.81 12.63 -1.28
CA VAL A 456 -5.28 11.56 -2.11
C VAL A 456 -5.53 11.91 -3.58
N GLY A 457 -4.47 11.81 -4.37
CA GLY A 457 -4.55 12.05 -5.81
C GLY A 457 -4.14 13.47 -6.21
N PHE A 458 -4.14 14.40 -5.25
CA PHE A 458 -3.97 15.81 -5.58
C PHE A 458 -2.80 16.44 -4.83
N MET A 459 -2.36 15.79 -3.76
CA MET A 459 -1.19 16.27 -3.01
C MET A 459 -0.19 15.13 -2.89
N PRO A 460 1.12 15.42 -2.75
CA PRO A 460 2.12 14.36 -2.63
C PRO A 460 2.06 13.69 -1.26
N GLU A 461 2.44 12.40 -1.24
CA GLU A 461 2.55 11.60 -0.04
C GLU A 461 1.18 11.40 0.62
N ALA A 462 0.13 11.32 -0.20
CA ALA A 462 -1.20 11.04 0.32
C ALA A 462 -1.62 9.65 -0.15
N ARG A 463 -1.31 8.64 0.67
CA ARG A 463 -1.39 7.25 0.26
C ARG A 463 -2.37 6.50 1.16
N SER A 464 -3.45 7.17 1.57
CA SER A 464 -4.42 6.56 2.46
C SER A 464 -5.07 5.33 1.83
N THR A 465 -5.10 5.27 0.50
CA THR A 465 -5.80 4.21 -0.21
C THR A 465 -5.29 2.84 0.25
N ILE A 466 -4.00 2.78 0.59
CA ILE A 466 -3.37 1.55 1.00
C ILE A 466 -4.08 1.00 2.24
N SER A 467 -4.49 1.88 3.15
CA SER A 467 -5.03 1.40 4.42
C SER A 467 -6.55 1.24 4.36
N LEU A 468 -7.16 1.53 3.20
CA LEU A 468 -8.60 1.42 3.11
C LEU A 468 -9.00 0.27 2.18
N SER A 469 -8.53 0.31 0.93
CA SER A 469 -8.97 -0.65 -0.06
C SER A 469 -7.78 -1.42 -0.60
N GLY A 470 -6.58 -1.01 -0.21
CA GLY A 470 -5.36 -1.59 -0.73
C GLY A 470 -4.72 -2.57 0.25
N PRO A 471 -3.39 -2.76 0.14
CA PRO A 471 -2.69 -3.85 0.83
C PRO A 471 -3.00 -4.00 2.32
N GLY A 472 -3.22 -2.88 3.00
CA GLY A 472 -3.52 -2.91 4.42
C GLY A 472 -4.68 -3.85 4.76
N ALA A 473 -5.74 -3.78 3.96
CA ALA A 473 -6.92 -4.60 4.18
C ALA A 473 -6.56 -6.08 3.98
N TYR A 474 -5.68 -6.34 3.01
CA TYR A 474 -5.27 -7.69 2.68
C TYR A 474 -4.48 -8.28 3.85
N ALA A 475 -3.54 -7.51 4.39
CA ALA A 475 -2.73 -7.95 5.53
C ALA A 475 -3.61 -8.19 6.76
N SER A 476 -4.55 -7.30 7.04
CA SER A 476 -5.42 -7.51 8.18
C SER A 476 -6.27 -8.75 7.97
N ALA A 477 -6.71 -8.99 6.72
CA ALA A 477 -7.58 -10.13 6.45
C ALA A 477 -6.79 -11.43 6.58
N TYR A 478 -5.50 -11.37 6.21
CA TYR A 478 -4.61 -12.49 6.42
C TYR A 478 -4.54 -12.84 7.90
N TYR A 479 -4.21 -11.83 8.72
CA TYR A 479 -4.14 -12.03 10.15
C TYR A 479 -5.49 -12.55 10.65
N ASP A 480 -6.58 -12.04 10.08
CA ASP A 480 -7.94 -12.40 10.47
C ASP A 480 -8.13 -13.91 10.32
N PHE A 481 -7.61 -14.44 9.22
CA PHE A 481 -7.80 -15.81 8.80
C PHE A 481 -6.91 -16.75 9.59
N ILE A 482 -5.64 -16.37 9.74
CA ILE A 482 -4.68 -17.20 10.44
C ILE A 482 -5.16 -17.45 11.88
N ASN A 483 -5.67 -16.39 12.53
CA ASN A 483 -6.04 -16.47 13.93
C ASN A 483 -7.55 -16.60 14.09
N LEU A 484 -8.24 -16.98 13.02
CA LEU A 484 -9.69 -17.18 13.03
C LEU A 484 -10.44 -15.96 13.59
N GLN A 485 -10.04 -14.78 13.12
CA GLN A 485 -10.56 -13.53 13.65
C GLN A 485 -11.39 -12.81 12.57
N GLU A 486 -11.94 -11.66 12.95
CA GLU A 486 -12.54 -10.74 12.00
C GLU A 486 -12.28 -9.30 12.44
N ASN A 487 -12.28 -8.39 11.48
CA ASN A 487 -12.25 -6.95 11.72
C ASN A 487 -11.01 -6.53 12.50
N THR A 488 -9.91 -7.26 12.32
CA THR A 488 -8.61 -6.81 12.83
C THR A 488 -8.19 -5.50 12.18
N ILE A 489 -7.57 -4.61 12.99
CA ILE A 489 -7.26 -3.27 12.52
C ILE A 489 -5.76 -3.14 12.23
N GLU A 490 -4.90 -3.52 13.18
CA GLU A 490 -3.49 -3.21 13.03
C GLU A 490 -2.61 -4.42 13.35
N LYS A 491 -3.23 -5.54 13.71
CA LYS A 491 -2.45 -6.73 14.01
C LYS A 491 -1.86 -7.28 12.72
N THR A 492 -0.61 -7.75 12.82
CA THR A 492 0.12 -8.23 11.65
C THR A 492 0.75 -9.59 11.95
N LEU A 493 1.06 -10.32 10.88
CA LEU A 493 1.66 -11.64 10.99
C LEU A 493 3.18 -11.56 10.91
N LYS A 494 3.83 -12.64 11.34
CA LYS A 494 5.26 -12.80 11.11
C LYS A 494 5.48 -13.26 9.68
N ALA A 495 6.71 -13.06 9.20
CA ALA A 495 7.05 -13.28 7.80
C ALA A 495 6.76 -14.73 7.39
N SER A 496 7.15 -15.69 8.25
CA SER A 496 6.99 -17.10 7.96
C SER A 496 5.52 -17.43 7.72
N ASP A 497 4.64 -16.79 8.49
CA ASP A 497 3.21 -17.06 8.37
C ASP A 497 2.63 -16.36 7.15
N LEU A 498 3.34 -15.34 6.64
CA LEU A 498 2.80 -14.52 5.57
C LEU A 498 3.24 -15.07 4.21
N ILE A 499 4.45 -15.65 4.15
CA ILE A 499 4.99 -16.14 2.89
C ILE A 499 4.09 -17.23 2.33
N GLU A 500 3.25 -17.81 3.19
CA GLU A 500 2.33 -18.86 2.78
C GLU A 500 1.41 -18.40 1.65
N PHE A 501 1.16 -17.08 1.54
CA PHE A 501 0.20 -16.57 0.58
C PHE A 501 0.89 -15.76 -0.52
N LYS A 502 2.15 -16.08 -0.80
CA LYS A 502 2.92 -15.29 -1.76
C LYS A 502 2.52 -15.66 -3.18
N PHE A 503 2.46 -14.64 -4.04
CA PHE A 503 2.31 -14.85 -5.46
C PHE A 503 3.63 -15.35 -6.01
N PRO A 504 3.66 -16.55 -6.66
CA PRO A 504 4.91 -17.12 -7.19
C PRO A 504 5.77 -16.11 -7.95
N GLU A 505 7.01 -15.96 -7.48
CA GLU A 505 7.93 -14.94 -7.97
C GLU A 505 8.20 -15.14 -9.46
N ASN A 506 8.29 -16.41 -9.90
CA ASN A 506 8.68 -16.76 -11.25
C ASN A 506 7.54 -16.50 -12.24
N ASN A 507 6.41 -15.99 -11.76
CA ASN A 507 5.25 -15.84 -12.61
C ASN A 507 4.83 -14.38 -12.70
N LEU A 508 5.76 -13.47 -12.37
CA LEU A 508 5.41 -12.06 -12.33
C LEU A 508 6.66 -11.21 -12.53
N SER A 509 6.53 -10.17 -13.36
CA SER A 509 7.55 -9.16 -13.56
C SER A 509 6.98 -7.81 -13.15
N GLN A 510 7.46 -7.27 -12.03
CA GLN A 510 6.85 -6.09 -11.42
C GLN A 510 7.61 -4.83 -11.79
N LEU A 511 8.92 -4.96 -12.08
CA LEU A 511 9.79 -3.80 -12.34
C LEU A 511 9.62 -3.35 -13.79
N THR A 512 8.41 -2.91 -14.12
CA THR A 512 8.08 -2.42 -15.45
C THR A 512 8.11 -0.91 -15.42
N GLU A 513 8.27 -0.32 -16.61
CA GLU A 513 8.38 1.11 -16.77
C GLU A 513 7.14 1.80 -16.24
N GLN A 514 5.97 1.20 -16.47
CA GLN A 514 4.69 1.77 -16.08
C GLN A 514 4.47 1.76 -14.58
N GLU A 515 5.04 0.77 -13.87
CA GLU A 515 4.79 0.61 -12.44
C GLU A 515 5.45 1.70 -11.61
N ILE A 516 6.61 2.18 -12.05
CA ILE A 516 7.39 3.11 -11.23
C ILE A 516 6.69 4.46 -11.17
N ASN A 517 5.70 4.67 -12.04
CA ASN A 517 4.92 5.91 -12.06
C ASN A 517 3.48 5.57 -11.68
N SER A 518 3.12 5.80 -10.43
CA SER A 518 1.77 5.50 -9.97
C SER A 518 0.76 6.42 -10.67
N LEU A 519 -0.48 5.94 -10.79
CA LEU A 519 -1.53 6.68 -11.47
C LEU A 519 -2.44 7.37 -10.45
N TRP A 520 -2.24 7.14 -9.14
CA TRP A 520 -3.15 7.69 -8.15
C TRP A 520 -2.41 8.50 -7.09
N SER A 521 -1.08 8.44 -7.08
CA SER A 521 -0.33 9.18 -6.08
C SER A 521 1.03 9.55 -6.64
N PHE A 522 1.66 10.56 -6.03
CA PHE A 522 3.00 10.96 -6.38
C PHE A 522 3.74 11.41 -5.12
N ASP A 523 5.07 11.49 -5.24
CA ASP A 523 5.95 11.85 -4.14
C ASP A 523 6.34 13.33 -4.26
N GLN A 524 7.15 13.79 -3.30
CA GLN A 524 7.43 15.21 -3.18
C GLN A 524 8.36 15.67 -4.30
N ALA A 525 9.25 14.79 -4.77
CA ALA A 525 10.19 15.13 -5.82
C ALA A 525 9.47 15.38 -7.14
N SER A 526 8.54 14.49 -7.49
CA SER A 526 7.68 14.66 -8.66
C SER A 526 6.83 15.93 -8.53
N ALA A 527 6.37 16.23 -7.31
CA ALA A 527 5.60 17.44 -7.07
C ALA A 527 6.45 18.68 -7.33
N LYS A 528 7.72 18.61 -6.92
CA LYS A 528 8.66 19.71 -7.12
C LYS A 528 8.89 19.92 -8.62
N TYR A 529 9.17 18.83 -9.34
CA TYR A 529 9.43 18.91 -10.77
C TYR A 529 8.20 19.43 -11.52
N GLN A 530 7.02 18.94 -11.15
CA GLN A 530 5.75 19.32 -11.76
C GLN A 530 5.47 20.79 -11.50
N PHE A 531 5.79 21.26 -10.29
CA PHE A 531 5.51 22.66 -9.96
C PHE A 531 6.41 23.58 -10.78
N GLU A 532 7.69 23.20 -10.93
CA GLU A 532 8.63 23.99 -11.70
C GLU A 532 8.20 24.02 -13.16
N LYS A 533 7.67 22.89 -13.66
CA LYS A 533 7.21 22.84 -15.03
C LYS A 533 5.99 23.73 -15.19
N TYR A 534 5.10 23.73 -14.18
CA TYR A 534 3.93 24.59 -14.20
C TYR A 534 4.35 26.05 -14.30
N VAL A 535 5.37 26.42 -13.52
CA VAL A 535 5.77 27.81 -13.47
C VAL A 535 6.40 28.20 -14.81
N ARG A 536 7.28 27.34 -15.34
CA ARG A 536 7.90 27.59 -16.64
C ARG A 536 6.83 27.82 -17.71
N ASP A 537 5.82 26.95 -17.79
CA ASP A 537 4.84 27.02 -18.86
C ASP A 537 3.89 28.19 -18.63
N TYR A 538 3.70 28.57 -17.36
CA TYR A 538 2.79 29.67 -17.06
C TYR A 538 3.47 30.99 -17.44
N THR A 539 4.79 31.07 -17.21
CA THR A 539 5.52 32.31 -17.40
C THR A 539 5.91 32.50 -18.86
N GLY A 540 6.18 31.40 -19.56
CA GLY A 540 6.62 31.42 -20.95
C GLY A 540 5.48 31.67 -21.93
N GLY A 541 4.27 31.21 -21.58
CA GLY A 541 3.12 31.36 -22.46
C GLY A 541 2.96 30.14 -23.35
N SER A 542 1.88 30.13 -24.14
CA SER A 542 1.59 29.04 -25.06
C SER A 542 0.93 29.63 -26.31
N LEU A 543 0.97 28.91 -27.44
CA LEU A 543 0.55 29.45 -28.73
C LEU A 543 -0.86 28.98 -29.11
N ALA B 7 11.44 -16.77 24.72
CA ALA B 7 10.59 -15.85 23.90
C ALA B 7 11.41 -14.65 23.45
N ALA B 8 10.77 -13.46 23.47
CA ALA B 8 11.41 -12.21 23.08
C ALA B 8 10.74 -11.05 23.81
N ILE B 9 11.51 -9.99 24.04
CA ILE B 9 11.02 -8.78 24.67
C ILE B 9 10.52 -7.85 23.57
N ARG B 10 9.29 -7.35 23.73
CA ARG B 10 8.68 -6.42 22.80
C ARG B 10 9.04 -4.99 23.18
N LYS B 11 9.52 -4.22 22.20
CA LYS B 11 9.93 -2.84 22.42
C LYS B 11 9.47 -1.97 21.25
N LYS B 12 9.07 -0.75 21.58
CA LYS B 12 8.56 0.19 20.60
C LYS B 12 9.61 1.25 20.28
N LEU B 13 9.92 1.39 18.98
CA LEU B 13 10.82 2.43 18.50
C LEU B 13 10.02 3.35 17.59
N VAL B 14 10.20 4.67 17.79
CA VAL B 14 9.55 5.67 16.96
C VAL B 14 10.63 6.54 16.33
N ILE B 15 10.54 6.74 15.02
CA ILE B 15 11.53 7.53 14.30
C ILE B 15 10.92 8.87 13.93
N VAL B 16 11.66 9.94 14.23
CA VAL B 16 11.22 11.31 13.98
C VAL B 16 12.37 12.07 13.31
N GLY B 17 12.02 13.19 12.68
CA GLY B 17 13.00 14.00 11.99
C GLY B 17 12.38 14.69 10.79
N ASP B 18 13.13 15.64 10.21
CA ASP B 18 12.68 16.44 9.09
C ASP B 18 12.33 15.53 7.92
N GLY B 19 11.48 16.02 7.02
CA GLY B 19 11.17 15.29 5.81
C GLY B 19 12.37 15.22 4.88
N ALA B 20 12.54 14.05 4.23
CA ALA B 20 13.56 13.79 3.23
C ALA B 20 14.90 13.37 3.85
N CYS B 21 14.98 13.28 5.18
CA CYS B 21 16.27 12.98 5.80
C CYS B 21 16.56 11.48 5.84
N GLY B 22 15.59 10.63 5.50
CA GLY B 22 15.91 9.24 5.18
C GLY B 22 15.42 8.23 6.21
N LYS B 23 14.38 8.60 6.97
CA LYS B 23 13.81 7.77 8.02
C LYS B 23 13.22 6.50 7.43
N THR B 24 12.41 6.67 6.38
CA THR B 24 11.68 5.56 5.78
C THR B 24 12.67 4.55 5.22
N CYS B 25 13.65 5.02 4.44
CA CYS B 25 14.61 4.14 3.80
C CYS B 25 15.40 3.39 4.86
N LEU B 26 15.71 4.06 5.97
CA LEU B 26 16.47 3.44 7.03
C LEU B 26 15.67 2.31 7.66
N LEU B 27 14.38 2.56 7.91
CA LEU B 27 13.51 1.53 8.47
C LEU B 27 13.43 0.33 7.53
N ILE B 28 13.35 0.59 6.22
CA ILE B 28 13.17 -0.48 5.25
C ILE B 28 14.43 -1.32 5.19
N VAL B 29 15.59 -0.62 5.20
CA VAL B 29 16.89 -1.28 5.12
C VAL B 29 17.07 -2.20 6.33
N PHE B 30 16.70 -1.71 7.52
CA PHE B 30 16.89 -2.50 8.71
C PHE B 30 15.90 -3.67 8.76
N SER B 31 14.62 -3.37 8.48
CA SER B 31 13.54 -4.34 8.64
C SER B 31 13.61 -5.42 7.56
N LYS B 32 13.93 -5.05 6.32
CA LYS B 32 13.80 -6.00 5.22
C LYS B 32 15.14 -6.23 4.54
N ASP B 33 16.17 -5.54 5.02
CA ASP B 33 17.49 -5.61 4.41
C ASP B 33 17.40 -5.35 2.90
N GLN B 34 16.75 -4.24 2.52
CA GLN B 34 16.64 -3.86 1.12
C GLN B 34 16.67 -2.34 1.06
N PHE B 35 17.50 -1.78 0.17
CA PHE B 35 17.41 -0.35 -0.06
C PHE B 35 16.74 -0.11 -1.41
N PRO B 36 15.69 0.75 -1.49
CA PRO B 36 15.03 1.03 -2.77
C PRO B 36 15.92 1.87 -3.68
N GLU B 37 16.58 1.21 -4.64
CA GLU B 37 17.44 1.93 -5.58
C GLU B 37 16.58 2.72 -6.57
N VAL B 38 15.42 2.17 -6.96
CA VAL B 38 14.69 2.70 -8.10
C VAL B 38 13.43 3.44 -7.65
N TYR B 39 12.53 2.73 -6.95
CA TYR B 39 11.26 3.32 -6.56
C TYR B 39 10.78 2.69 -5.25
N VAL B 40 9.81 3.33 -4.63
CA VAL B 40 9.19 2.73 -3.46
C VAL B 40 7.79 2.30 -3.87
N PRO B 41 7.55 0.98 -4.00
CA PRO B 41 6.24 0.48 -4.41
C PRO B 41 5.19 0.78 -3.36
N ASN B 42 3.92 0.82 -3.77
CA ASN B 42 2.82 1.11 -2.86
C ASN B 42 2.43 -0.16 -2.11
N VAL B 43 3.31 -0.61 -1.21
CA VAL B 43 3.15 -1.84 -0.43
C VAL B 43 2.49 -1.50 0.91
N PHE B 44 2.14 -2.53 1.68
CA PHE B 44 1.67 -2.33 3.04
C PHE B 44 2.86 -2.03 3.94
N GLU B 45 2.84 -0.85 4.59
CA GLU B 45 3.95 -0.41 5.41
C GLU B 45 3.85 -1.07 6.77
N ASN B 46 4.72 -2.04 7.05
CA ASN B 46 4.81 -2.53 8.42
C ASN B 46 6.25 -2.93 8.72
N TYR B 47 6.77 -2.41 9.84
CA TYR B 47 8.17 -2.65 10.18
C TYR B 47 8.28 -3.25 11.57
N VAL B 48 8.75 -4.50 11.59
CA VAL B 48 9.03 -5.20 12.82
C VAL B 48 10.32 -5.99 12.58
N ALA B 49 11.24 -5.96 13.56
CA ALA B 49 12.53 -6.61 13.40
C ALA B 49 12.95 -7.33 14.69
N ASP B 50 13.44 -8.56 14.53
CA ASP B 50 14.04 -9.32 15.62
C ASP B 50 15.53 -9.04 15.64
N ILE B 51 16.07 -8.82 16.85
CA ILE B 51 17.48 -8.53 17.01
C ILE B 51 17.93 -9.08 18.36
N GLU B 52 19.16 -9.59 18.40
CA GLU B 52 19.75 -10.07 19.64
C GLU B 52 20.79 -9.06 20.11
N VAL B 53 20.56 -8.51 21.31
CA VAL B 53 21.49 -7.54 21.91
C VAL B 53 21.78 -8.01 23.33
N ASP B 54 23.09 -8.08 23.66
CA ASP B 54 23.58 -8.34 25.00
C ASP B 54 22.96 -9.62 25.56
N GLY B 55 22.88 -10.66 24.74
CA GLY B 55 22.36 -11.95 25.18
C GLY B 55 20.85 -12.06 25.13
N LYS B 56 20.15 -10.92 25.05
CA LYS B 56 18.69 -10.95 24.95
C LYS B 56 18.29 -10.98 23.47
N GLN B 57 17.02 -11.32 23.20
CA GLN B 57 16.43 -11.25 21.88
C GLN B 57 15.26 -10.29 21.97
N VAL B 58 15.17 -9.31 21.07
CA VAL B 58 14.17 -8.26 21.20
C VAL B 58 13.44 -8.07 19.88
N GLU B 59 12.11 -7.94 19.95
CA GLU B 59 11.29 -7.61 18.80
C GLU B 59 11.00 -6.12 18.84
N LEU B 60 11.55 -5.39 17.86
CA LEU B 60 11.37 -3.95 17.75
C LEU B 60 10.24 -3.65 16.78
N ALA B 61 9.22 -2.93 17.28
CA ALA B 61 8.19 -2.36 16.44
C ALA B 61 8.62 -0.98 16.00
N LEU B 62 8.91 -0.81 14.71
CA LEU B 62 9.38 0.48 14.21
C LEU B 62 8.19 1.30 13.72
N TRP B 63 8.00 2.47 14.33
CA TRP B 63 6.94 3.38 13.93
C TRP B 63 7.54 4.54 13.16
N ASP B 64 7.11 4.67 11.90
CA ASP B 64 7.50 5.79 11.06
C ASP B 64 6.57 6.97 11.35
N THR B 65 7.07 8.19 11.11
CA THR B 65 6.27 9.40 11.26
C THR B 65 6.51 10.32 10.07
N ALA B 66 5.58 11.25 9.87
CA ALA B 66 5.78 12.30 8.90
C ALA B 66 6.33 13.52 9.63
N GLY B 67 7.50 14.01 9.16
CA GLY B 67 8.19 15.10 9.83
C GLY B 67 7.67 16.49 9.46
N GLN B 68 6.88 16.55 8.37
CA GLN B 68 6.36 17.80 7.84
C GLN B 68 5.29 18.35 8.79
N GLU B 69 5.10 19.68 8.79
CA GLU B 69 4.21 20.38 9.72
C GLU B 69 2.74 20.01 9.47
N ASP B 70 2.42 19.60 8.25
CA ASP B 70 1.11 19.08 7.90
C ASP B 70 0.63 18.07 8.95
N TYR B 71 1.56 17.24 9.44
CA TYR B 71 1.24 16.14 10.35
C TYR B 71 1.73 16.47 11.75
N ASP B 72 1.96 17.76 12.03
CA ASP B 72 2.34 18.21 13.36
C ASP B 72 1.32 17.74 14.38
N ARG B 73 0.03 17.79 14.01
CA ARG B 73 -1.02 17.60 14.99
C ARG B 73 -1.38 16.12 15.08
N LEU B 74 -0.87 15.31 14.14
CA LEU B 74 -1.22 13.89 14.10
C LEU B 74 -0.08 13.03 14.62
N ARG B 75 1.15 13.56 14.52
CA ARG B 75 2.34 12.83 14.93
C ARG B 75 2.11 12.26 16.34
N PRO B 76 1.62 13.06 17.32
CA PRO B 76 1.37 12.57 18.69
C PRO B 76 0.53 11.32 18.96
N LEU B 77 -0.08 10.75 17.90
CA LEU B 77 -0.86 9.53 18.04
C LEU B 77 0.07 8.32 18.04
N SER B 78 1.30 8.53 17.55
CA SER B 78 2.30 7.48 17.43
C SER B 78 3.20 7.43 18.67
N TYR B 79 3.13 8.46 19.52
CA TYR B 79 4.08 8.65 20.59
C TYR B 79 3.80 7.80 21.83
N PRO B 80 2.54 7.50 22.21
CA PRO B 80 2.28 6.75 23.44
C PRO B 80 3.04 5.43 23.53
N ASP B 81 3.53 5.14 24.74
CA ASP B 81 4.13 3.85 25.08
C ASP B 81 5.40 3.61 24.28
N THR B 82 6.06 4.69 23.85
CA THR B 82 7.29 4.57 23.09
C THR B 82 8.44 4.22 24.03
N ASP B 83 9.28 3.27 23.62
CA ASP B 83 10.38 2.80 24.44
C ASP B 83 11.69 3.48 24.06
N VAL B 84 11.81 3.90 22.79
CA VAL B 84 13.04 4.49 22.31
C VAL B 84 12.71 5.34 21.09
N ILE B 85 13.38 6.49 20.98
CA ILE B 85 13.16 7.43 19.89
C ILE B 85 14.44 7.55 19.07
N LEU B 86 14.30 7.42 17.75
CA LEU B 86 15.37 7.77 16.83
C LEU B 86 15.07 9.17 16.29
N MET B 87 15.84 10.16 16.77
CA MET B 87 15.77 11.52 16.28
C MET B 87 16.78 11.66 15.14
N CYS B 88 16.30 11.94 13.93
CA CYS B 88 17.17 11.85 12.76
C CYS B 88 17.43 13.20 12.11
N PHE B 89 18.60 13.29 11.48
CA PHE B 89 18.94 14.37 10.57
C PHE B 89 19.83 13.81 9.45
N SER B 90 19.91 14.54 8.33
CA SER B 90 20.69 14.13 7.18
C SER B 90 22.02 14.88 7.18
N ILE B 91 23.11 14.14 6.91
CA ILE B 91 24.45 14.71 6.87
C ILE B 91 24.53 15.80 5.81
N ASP B 92 23.79 15.64 4.71
CA ASP B 92 23.85 16.58 3.59
C ASP B 92 22.86 17.71 3.78
N SER B 93 22.31 17.86 4.99
CA SER B 93 21.34 18.92 5.25
C SER B 93 21.61 19.55 6.61
N PRO B 94 22.60 20.48 6.71
CA PRO B 94 22.80 21.25 7.94
C PRO B 94 21.50 21.85 8.50
N ASP B 95 20.60 22.27 7.61
CA ASP B 95 19.32 22.79 8.05
C ASP B 95 18.55 21.73 8.85
N SER B 96 18.71 20.47 8.44
CA SER B 96 18.06 19.34 9.09
C SER B 96 18.58 19.19 10.52
N LEU B 97 19.87 19.46 10.69
CA LEU B 97 20.50 19.29 11.99
C LEU B 97 20.10 20.45 12.89
N GLU B 98 19.85 21.61 12.29
CA GLU B 98 19.58 22.82 13.05
C GLU B 98 18.16 22.78 13.59
N ASN B 99 17.33 21.88 13.04
CA ASN B 99 15.92 21.77 13.40
C ASN B 99 15.74 20.78 14.54
N ILE B 100 16.73 19.89 14.74
CA ILE B 100 16.76 18.95 15.85
C ILE B 100 16.33 19.64 17.14
N PRO B 101 17.02 20.73 17.56
CA PRO B 101 16.65 21.46 18.78
C PRO B 101 15.57 22.53 18.66
N GLU B 102 15.05 22.77 17.44
CA GLU B 102 14.04 23.79 17.22
C GLU B 102 12.64 23.18 17.20
N LYS B 103 12.53 21.95 16.68
CA LYS B 103 11.22 21.35 16.47
C LYS B 103 11.09 20.07 17.29
N TRP B 104 12.12 19.23 17.26
CA TRP B 104 11.97 17.84 17.63
C TRP B 104 12.15 17.62 19.13
N THR B 105 13.10 18.34 19.73
CA THR B 105 13.45 18.15 21.13
C THR B 105 12.29 18.54 22.05
N PRO B 106 11.66 19.72 21.91
CA PRO B 106 10.51 20.05 22.75
C PRO B 106 9.30 19.14 22.51
N GLU B 107 9.08 18.73 21.27
CA GLU B 107 7.95 17.87 20.94
C GLU B 107 8.11 16.51 21.59
N VAL B 108 9.32 15.94 21.45
CA VAL B 108 9.62 14.63 22.00
C VAL B 108 9.60 14.67 23.53
N LYS B 109 10.02 15.80 24.12
CA LYS B 109 9.99 15.94 25.57
C LYS B 109 8.56 16.02 26.06
N HIS B 110 7.73 16.80 25.37
CA HIS B 110 6.36 17.04 25.77
C HIS B 110 5.55 15.75 25.72
N PHE B 111 5.76 14.94 24.66
CA PHE B 111 4.91 13.79 24.37
C PHE B 111 5.51 12.48 24.86
N CYS B 112 6.85 12.37 24.92
CA CYS B 112 7.50 11.18 25.42
C CYS B 112 8.48 11.53 26.53
N PRO B 113 7.99 11.91 27.73
CA PRO B 113 8.88 12.31 28.81
C PRO B 113 9.73 11.11 29.20
N ASN B 114 11.02 11.37 29.38
CA ASN B 114 11.99 10.43 29.95
C ASN B 114 12.30 9.28 29.01
N VAL B 115 11.89 9.38 27.74
CA VAL B 115 12.18 8.34 26.76
C VAL B 115 13.54 8.63 26.12
N PRO B 116 14.50 7.67 26.16
CA PRO B 116 15.84 7.92 25.62
C PRO B 116 15.76 8.28 24.13
N ILE B 117 16.66 9.19 23.72
CA ILE B 117 16.76 9.67 22.35
C ILE B 117 18.10 9.24 21.76
N ILE B 118 18.05 8.64 20.57
CA ILE B 118 19.26 8.36 19.82
C ILE B 118 19.33 9.34 18.66
N LEU B 119 20.41 10.13 18.59
CA LEU B 119 20.59 11.08 17.51
C LEU B 119 21.28 10.39 16.34
N VAL B 120 20.57 10.29 15.22
CA VAL B 120 21.05 9.55 14.07
C VAL B 120 21.32 10.55 12.95
N GLY B 121 22.57 10.55 12.46
CA GLY B 121 22.92 11.30 11.27
C GLY B 121 22.89 10.42 10.03
N ASN B 122 21.89 10.62 9.18
CA ASN B 122 21.63 9.76 8.02
C ASN B 122 22.43 10.22 6.80
N LYS B 123 22.46 9.36 5.78
CA LYS B 123 23.15 9.61 4.51
C LYS B 123 24.60 9.97 4.78
N LYS B 124 25.35 9.02 5.34
CA LYS B 124 26.76 9.15 5.64
C LYS B 124 27.58 9.15 4.35
N ASP B 125 27.02 8.51 3.31
CA ASP B 125 27.74 8.31 2.06
C ASP B 125 27.81 9.60 1.25
N LEU B 126 27.16 10.66 1.73
CA LEU B 126 27.14 11.93 1.02
C LEU B 126 28.12 12.95 1.62
N ARG B 127 28.81 12.56 2.70
CA ARG B 127 29.75 13.48 3.33
C ARG B 127 30.92 13.74 2.38
N ASN B 128 31.30 12.72 1.61
CA ASN B 128 32.44 12.80 0.70
C ASN B 128 31.98 12.88 -0.75
N ASP B 129 30.66 12.94 -0.99
CA ASP B 129 30.12 13.00 -2.33
C ASP B 129 30.49 14.34 -2.97
N GLU B 130 30.84 14.32 -4.25
CA GLU B 130 31.29 15.51 -4.96
C GLU B 130 30.12 16.44 -5.22
N HIS B 131 29.06 15.90 -5.83
CA HIS B 131 27.89 16.68 -6.20
C HIS B 131 27.29 17.35 -4.96
N THR B 132 27.26 16.61 -3.85
CA THR B 132 26.73 17.13 -2.59
C THR B 132 27.48 18.41 -2.20
N ARG B 133 28.83 18.31 -2.13
CA ARG B 133 29.65 19.43 -1.69
C ARG B 133 29.47 20.61 -2.63
N ARG B 134 29.35 20.32 -3.94
CA ARG B 134 29.21 21.37 -4.94
C ARG B 134 27.92 22.14 -4.72
N GLU B 135 26.80 21.43 -4.60
CA GLU B 135 25.52 22.10 -4.54
C GLU B 135 25.24 22.63 -3.13
N LEU B 136 26.10 22.27 -2.17
CA LEU B 136 25.99 22.83 -0.83
C LEU B 136 26.84 24.11 -0.72
N ALA B 137 27.86 24.22 -1.58
CA ALA B 137 28.71 25.41 -1.60
C ALA B 137 27.92 26.62 -2.09
N LYS B 138 26.94 26.38 -2.98
CA LYS B 138 26.13 27.45 -3.55
C LYS B 138 25.34 28.18 -2.45
N MET B 139 24.85 27.42 -1.46
CA MET B 139 24.13 27.99 -0.32
C MET B 139 25.08 28.28 0.83
N LYS B 140 26.39 28.36 0.53
CA LYS B 140 27.43 28.73 1.49
C LYS B 140 27.38 27.79 2.69
N GLN B 141 27.24 26.49 2.41
CA GLN B 141 27.16 25.48 3.45
C GLN B 141 28.12 24.34 3.10
N GLU B 142 28.36 23.49 4.10
CA GLU B 142 29.16 22.29 3.91
C GLU B 142 28.56 21.15 4.73
N PRO B 143 28.80 19.87 4.36
CA PRO B 143 28.23 18.73 5.09
C PRO B 143 28.56 18.76 6.58
N VAL B 144 27.74 18.04 7.36
CA VAL B 144 27.85 18.05 8.80
C VAL B 144 29.07 17.24 9.22
N LYS B 145 29.85 17.78 10.15
CA LYS B 145 30.99 17.05 10.70
C LYS B 145 30.50 16.18 11.85
N PRO B 146 31.16 15.02 12.09
CA PRO B 146 30.79 14.16 13.22
C PRO B 146 30.85 14.86 14.59
N GLU B 147 31.76 15.83 14.73
CA GLU B 147 31.87 16.53 15.99
C GLU B 147 30.66 17.45 16.15
N GLU B 148 30.14 17.97 15.03
CA GLU B 148 28.94 18.79 15.06
C GLU B 148 27.77 17.97 15.61
N GLY B 149 27.63 16.73 15.15
CA GLY B 149 26.55 15.82 15.55
C GLY B 149 26.72 15.36 16.99
N ARG B 150 27.95 15.00 17.36
CA ARG B 150 28.28 14.56 18.71
C ARG B 150 27.99 15.69 19.70
N ASP B 151 28.29 16.94 19.32
CA ASP B 151 28.10 18.08 20.20
C ASP B 151 26.60 18.26 20.46
N MET B 152 25.79 18.04 19.40
CA MET B 152 24.34 18.21 19.43
C MET B 152 23.70 17.12 20.28
N ALA B 153 24.25 15.90 20.23
CA ALA B 153 23.76 14.81 21.06
C ALA B 153 23.91 15.18 22.55
N ASN B 154 25.06 15.76 22.90
CA ASN B 154 25.32 16.14 24.27
C ASN B 154 24.45 17.33 24.67
N ARG B 155 24.20 18.25 23.74
CA ARG B 155 23.41 19.43 24.05
C ARG B 155 21.96 19.06 24.36
N ILE B 156 21.42 18.08 23.64
CA ILE B 156 20.01 17.72 23.76
C ILE B 156 19.83 16.64 24.83
N GLY B 157 20.94 16.05 25.29
CA GLY B 157 20.91 15.04 26.35
C GLY B 157 20.55 13.67 25.81
N ALA B 158 20.93 13.40 24.55
CA ALA B 158 20.60 12.14 23.92
C ALA B 158 21.38 11.00 24.58
N PHE B 159 20.81 9.78 24.49
CA PHE B 159 21.46 8.58 25.01
C PHE B 159 22.75 8.33 24.24
N GLY B 160 22.72 8.60 22.94
CA GLY B 160 23.87 8.34 22.10
C GLY B 160 23.77 9.07 20.77
N TYR B 161 24.86 8.99 19.99
CA TYR B 161 24.93 9.52 18.65
C TYR B 161 25.48 8.44 17.74
N MET B 162 24.89 8.33 16.54
CA MET B 162 25.39 7.36 15.57
C MET B 162 25.12 7.87 14.15
N GLU B 163 26.06 7.59 13.25
CA GLU B 163 25.90 7.89 11.83
C GLU B 163 25.65 6.60 11.06
N CYS B 164 24.89 6.71 9.97
CA CYS B 164 24.60 5.55 9.13
C CYS B 164 24.39 5.99 7.70
N SER B 165 24.43 5.01 6.79
CA SER B 165 24.07 5.22 5.40
C SER B 165 23.16 4.07 4.96
N ALA B 166 21.86 4.37 4.81
CA ALA B 166 20.89 3.35 4.50
C ALA B 166 21.19 2.70 3.14
N LYS B 167 21.85 3.43 2.25
CA LYS B 167 22.14 2.93 0.90
C LYS B 167 23.21 1.84 0.97
N THR B 168 24.23 2.06 1.79
CA THR B 168 25.34 1.12 1.92
C THR B 168 25.14 0.21 3.13
N LYS B 169 24.12 0.49 3.95
CA LYS B 169 23.82 -0.28 5.15
C LYS B 169 24.91 -0.08 6.23
N ASP B 170 25.81 0.89 6.02
CA ASP B 170 26.89 1.15 6.96
C ASP B 170 26.33 1.83 8.21
N GLY B 171 26.45 1.14 9.37
CA GLY B 171 26.09 1.72 10.66
C GLY B 171 24.63 1.49 11.06
N VAL B 172 23.83 0.88 10.18
CA VAL B 172 22.41 0.70 10.43
C VAL B 172 22.23 -0.24 11.63
N ARG B 173 22.91 -1.38 11.59
CA ARG B 173 22.85 -2.35 12.67
C ARG B 173 23.26 -1.68 13.98
N GLU B 174 24.31 -0.85 13.92
CA GLU B 174 24.82 -0.19 15.12
C GLU B 174 23.77 0.76 15.70
N VAL B 175 23.05 1.46 14.81
CA VAL B 175 22.02 2.40 15.20
C VAL B 175 20.93 1.68 15.99
N PHE B 176 20.47 0.55 15.45
CA PHE B 176 19.34 -0.13 16.05
C PHE B 176 19.76 -0.90 17.30
N GLU B 177 21.02 -1.35 17.31
CA GLU B 177 21.56 -2.01 18.49
C GLU B 177 21.67 -1.00 19.63
N MET B 178 22.04 0.24 19.32
CA MET B 178 22.18 1.27 20.34
C MET B 178 20.80 1.68 20.85
N ALA B 179 19.83 1.75 19.94
CA ALA B 179 18.46 2.04 20.33
C ALA B 179 17.92 0.94 21.25
N THR B 180 18.25 -0.32 20.93
CA THR B 180 17.79 -1.45 21.73
C THR B 180 18.39 -1.40 23.13
N ARG B 181 19.70 -1.14 23.22
CA ARG B 181 20.35 -1.00 24.51
C ARG B 181 19.70 0.12 25.33
N ALA B 182 19.32 1.21 24.65
CA ALA B 182 18.71 2.34 25.35
C ALA B 182 17.33 1.95 25.87
N ALA B 183 16.58 1.20 25.06
CA ALA B 183 15.25 0.75 25.45
C ALA B 183 15.31 -0.22 26.63
N LEU B 184 16.36 -1.06 26.69
CA LEU B 184 16.44 -2.10 27.71
C LEU B 184 16.87 -1.48 29.05
N GLN B 185 17.44 -0.27 29.01
CA GLN B 185 18.03 0.32 30.21
C GLN B 185 16.97 0.95 31.11
#